data_2YQH
#
_entry.id   2YQH
#
_cell.length_a   47.431
_cell.length_b   61.804
_cell.length_c   90.438
_cell.angle_alpha   90.01
_cell.angle_beta   97.72
_cell.angle_gamma   92.88
#
_symmetry.space_group_name_H-M   'P 1'
#
loop_
_entity.id
_entity.type
_entity.pdbx_description
1 polymer 'UDP-N-acetylglucosamine pyrophosphorylase'
2 non-polymer 2-acetamido-2-deoxy-1-O-phosphono-alpha-D-glucopyranose
3 non-polymer 'SULFATE ION'
4 non-polymer 'MAGNESIUM ION'
5 non-polymer GLYCEROL
6 water water
#
_entity_poly.entity_id   1
_entity_poly.type   'polypeptide(L)'
_entity_poly.pdbx_seq_one_letter_code
;MTVKSQQQIIDSFKQANQDQLFQYYDSLTIDQQQEFIDQLSTIEEPAKLISTVEQAIQFSQTNSTSRNFTQLPNEQTAST
LDLSKDILQNWTELGLKAIGNGEVAVLLMAGGQGTRLGSSAPKGCFNIELPSQKSLFQIQAEKILKIEQLAQQYLKSTKK
PIINWYIMTSGPTRNATESFFIENNYFGLNSHQVIFFNQGTLPCFNLQGNKILLELKNSICQSPDGNGGLYKALKDNGIL
DDLNSKGIKHIHMYCVDNCLVKVADPIFIGFAIAKKFDLATKVVRKRDANESVGLIVLDQDNQKPCVIEYSEISQELANK
KDPQDSSKLFLRAANIVNHYYSVEFLNKMIPKWISSQKYLPFHIAKKKIPSLNLENGEFYKPTEPNGIKLEQFIFDVFPS
VELNKFGCLEVDRLDEFSPLKNADGAKNDTPTTCRNHYLERSSKWVIQNGGVIDNQGLVEVDSKTSYGGEGLEFVNGKHF
KNGDII
;
_entity_poly.pdbx_strand_id   A,B
#
# COMPACT_ATOMS: atom_id res chain seq x y z
N VAL A 3 32.94 24.51 22.08
CA VAL A 3 31.61 25.16 22.20
C VAL A 3 31.62 26.23 23.29
N LYS A 4 30.54 27.00 23.38
CA LYS A 4 30.45 28.08 24.36
C LYS A 4 29.46 27.81 25.49
N SER A 5 29.71 28.46 26.62
CA SER A 5 28.86 28.33 27.79
C SER A 5 27.51 28.98 27.60
N GLN A 6 26.59 28.68 28.52
CA GLN A 6 25.25 29.24 28.49
C GLN A 6 25.31 30.77 28.39
N GLN A 7 26.08 31.37 29.29
CA GLN A 7 26.23 32.81 29.37
C GLN A 7 26.82 33.44 28.11
N GLN A 8 27.83 32.79 27.55
CA GLN A 8 28.47 33.32 26.36
C GLN A 8 27.53 33.38 25.15
N ILE A 9 26.64 32.38 25.01
CA ILE A 9 25.70 32.39 23.89
C ILE A 9 24.74 33.56 24.10
N ILE A 10 24.27 33.71 25.34
CA ILE A 10 23.36 34.78 25.66
C ILE A 10 23.99 36.15 25.43
N ASP A 11 25.25 36.32 25.83
CA ASP A 11 25.94 37.58 25.66
C ASP A 11 26.09 37.93 24.18
N SER A 12 26.56 36.97 23.39
CA SER A 12 26.75 37.21 21.97
C SER A 12 25.47 37.65 21.28
N PHE A 13 24.33 37.01 21.59
CA PHE A 13 23.07 37.38 20.97
C PHE A 13 22.58 38.75 21.42
N LYS A 14 22.81 39.04 22.69
CA LYS A 14 22.41 40.32 23.27
C LYS A 14 23.26 41.44 22.64
N GLN A 15 24.55 41.18 22.47
CA GLN A 15 25.39 42.19 21.87
C GLN A 15 24.97 42.42 20.41
N ALA A 16 24.31 41.43 19.81
CA ALA A 16 23.82 41.53 18.43
C ALA A 16 22.39 42.10 18.44
N ASN A 17 22.02 42.72 19.55
CA ASN A 17 20.71 43.36 19.65
C ASN A 17 19.51 42.42 19.55
N GLN A 18 19.68 41.17 19.94
CA GLN A 18 18.59 40.19 19.92
C GLN A 18 18.08 39.94 21.36
N ASP A 19 18.00 41.01 22.15
CA ASP A 19 17.53 40.90 23.52
C ASP A 19 16.11 40.36 23.57
N GLN A 20 15.35 40.52 22.51
CA GLN A 20 13.97 40.03 22.52
C GLN A 20 13.87 38.50 22.57
N LEU A 21 14.96 37.81 22.21
CA LEU A 21 14.98 36.36 22.24
C LEU A 21 14.98 35.86 23.69
N PHE A 22 15.35 36.73 24.61
CA PHE A 22 15.41 36.35 26.01
C PHE A 22 14.34 36.98 26.89
N GLN A 23 13.24 37.41 26.26
CA GLN A 23 12.14 38.04 26.99
C GLN A 23 11.55 37.11 28.06
N TYR A 24 11.40 35.83 27.73
CA TYR A 24 10.84 34.88 28.68
C TYR A 24 11.84 33.86 29.20
N TYR A 25 13.12 34.05 28.92
CA TYR A 25 14.14 33.09 29.33
C TYR A 25 14.06 32.68 30.80
N ASP A 26 13.94 33.66 31.68
CA ASP A 26 13.91 33.43 33.11
C ASP A 26 12.71 32.68 33.64
N SER A 27 11.63 32.62 32.89
CA SER A 27 10.44 31.90 33.33
C SER A 27 10.42 30.48 32.80
N LEU A 28 11.45 30.12 32.04
CA LEU A 28 11.53 28.78 31.47
C LEU A 28 12.14 27.81 32.45
N THR A 29 11.80 26.53 32.33
CA THR A 29 12.44 25.54 33.20
C THR A 29 13.90 25.46 32.74
N ILE A 30 14.75 24.80 33.52
CA ILE A 30 16.16 24.68 33.17
C ILE A 30 16.35 23.87 31.88
N ASP A 31 15.54 22.84 31.70
CA ASP A 31 15.68 22.04 30.51
C ASP A 31 15.30 22.86 29.27
N GLN A 32 14.28 23.69 29.39
CA GLN A 32 13.84 24.54 28.28
C GLN A 32 14.92 25.56 27.95
N GLN A 33 15.59 26.10 28.98
CA GLN A 33 16.67 27.05 28.77
C GLN A 33 17.83 26.37 28.04
N GLN A 34 18.22 25.19 28.52
CA GLN A 34 19.31 24.44 27.91
C GLN A 34 19.04 24.08 26.45
N GLU A 35 17.79 23.74 26.16
CA GLU A 35 17.41 23.39 24.79
C GLU A 35 17.50 24.63 23.92
N PHE A 36 17.13 25.78 24.50
CA PHE A 36 17.16 27.07 23.79
C PHE A 36 18.59 27.43 23.44
N ILE A 37 19.47 27.34 24.43
CA ILE A 37 20.87 27.63 24.24
C ILE A 37 21.43 26.71 23.15
N ASP A 38 21.16 25.41 23.24
CA ASP A 38 21.66 24.51 22.21
C ASP A 38 21.22 24.97 20.83
N GLN A 39 19.95 25.33 20.69
CA GLN A 39 19.45 25.77 19.39
C GLN A 39 20.16 27.03 18.90
N LEU A 40 20.41 27.97 19.81
CA LEU A 40 21.09 29.21 19.47
C LEU A 40 22.56 28.94 19.14
N SER A 41 23.08 27.82 19.63
CA SER A 41 24.47 27.44 19.38
C SER A 41 24.74 27.05 17.94
N THR A 42 23.75 26.47 17.27
CA THR A 42 23.94 26.04 15.88
C THR A 42 24.05 27.22 14.93
N ILE A 43 23.82 28.42 15.44
CA ILE A 43 23.89 29.60 14.59
C ILE A 43 25.30 30.17 14.62
N GLU A 44 26.03 29.91 13.54
CA GLU A 44 27.40 30.39 13.38
C GLU A 44 27.39 31.89 13.09
N GLU A 45 28.10 32.64 13.93
CA GLU A 45 28.26 34.09 13.84
C GLU A 45 26.97 34.87 13.69
N PRO A 46 26.20 34.98 14.79
CA PRO A 46 24.93 35.70 14.79
C PRO A 46 25.13 37.16 14.40
N ALA A 47 26.19 37.75 14.96
CA ALA A 47 26.53 39.15 14.70
C ALA A 47 26.66 39.34 13.20
N LYS A 48 27.48 38.49 12.57
CA LYS A 48 27.68 38.56 11.13
C LYS A 48 26.32 38.38 10.45
N LEU A 49 25.73 37.20 10.60
CA LEU A 49 24.43 36.90 9.98
C LEU A 49 23.40 38.04 10.07
N ILE A 50 23.19 38.59 11.26
CA ILE A 50 22.23 39.68 11.40
C ILE A 50 22.70 40.87 10.57
N SER A 51 24.03 41.04 10.50
CA SER A 51 24.63 42.10 9.72
C SER A 51 24.35 41.83 8.23
N THR A 52 24.66 40.61 7.79
CA THR A 52 24.44 40.19 6.41
C THR A 52 22.98 40.42 6.02
N VAL A 53 22.06 40.03 6.89
CA VAL A 53 20.66 40.21 6.60
C VAL A 53 20.40 41.70 6.41
N GLU A 54 20.81 42.50 7.41
CA GLU A 54 20.62 43.95 7.35
C GLU A 54 21.13 44.49 6.01
N GLN A 55 22.36 44.13 5.68
CA GLN A 55 22.98 44.52 4.42
C GLN A 55 22.16 44.10 3.20
N ALA A 56 21.63 42.88 3.23
CA ALA A 56 20.83 42.32 2.14
C ALA A 56 19.47 43.01 1.92
N ILE A 57 19.06 43.86 2.84
CA ILE A 57 17.79 44.57 2.69
C ILE A 57 18.05 45.87 1.93
N GLN A 58 19.12 46.57 2.32
CA GLN A 58 19.49 47.83 1.68
C GLN A 58 20.09 47.60 0.29
N ARG A 67 20.27 46.87 -14.10
CA ARG A 67 20.54 45.50 -14.51
C ARG A 67 20.34 45.32 -16.03
N ASN A 68 21.44 45.04 -16.72
CA ASN A 68 21.42 44.86 -18.19
C ASN A 68 21.65 43.41 -18.61
N PHE A 69 20.63 42.82 -19.21
CA PHE A 69 20.69 41.43 -19.64
C PHE A 69 20.43 41.24 -21.10
N THR A 70 21.10 40.26 -21.68
CA THR A 70 20.91 39.92 -23.09
C THR A 70 20.82 38.39 -23.15
N GLN A 71 20.83 37.83 -24.35
CA GLN A 71 20.74 36.40 -24.50
C GLN A 71 22.13 35.80 -24.52
N LEU A 72 22.23 34.55 -24.08
CA LEU A 72 23.50 33.84 -24.04
C LEU A 72 24.16 33.78 -25.42
N PRO A 73 25.49 33.91 -25.49
CA PRO A 73 26.11 33.84 -26.83
C PRO A 73 25.80 32.46 -27.42
N ASN A 74 25.73 32.38 -28.74
CA ASN A 74 25.41 31.12 -29.41
C ASN A 74 26.36 29.95 -29.14
N GLU A 75 27.60 30.25 -28.80
CA GLU A 75 28.59 29.21 -28.53
C GLU A 75 28.34 28.44 -27.22
N GLN A 76 27.53 29.01 -26.35
CA GLN A 76 27.27 28.34 -25.08
C GLN A 76 25.94 27.59 -25.06
N THR A 77 25.18 27.67 -26.15
CA THR A 77 23.88 27.01 -26.22
C THR A 77 23.84 25.88 -27.24
N ALA A 78 22.87 24.99 -27.05
CA ALA A 78 22.66 23.86 -27.93
C ALA A 78 21.22 23.48 -27.62
N SER A 79 20.58 22.72 -28.50
CA SER A 79 19.19 22.33 -28.27
C SER A 79 18.89 20.93 -28.76
N THR A 80 18.21 20.16 -27.93
CA THR A 80 17.86 18.80 -28.29
C THR A 80 16.80 18.80 -29.38
N LEU A 81 16.14 19.93 -29.57
CA LEU A 81 15.12 20.05 -30.58
C LEU A 81 15.71 20.32 -31.96
N ASP A 82 16.98 20.71 -32.02
CA ASP A 82 17.62 21.02 -33.30
C ASP A 82 18.76 20.12 -33.75
N LEU A 83 19.33 19.35 -32.82
CA LEU A 83 20.47 18.50 -33.16
C LEU A 83 20.11 17.22 -33.90
N SER A 84 21.01 16.79 -34.78
CA SER A 84 20.79 15.56 -35.55
C SER A 84 20.79 14.40 -34.58
N LYS A 85 20.10 13.33 -34.96
CA LYS A 85 20.03 12.15 -34.13
C LYS A 85 21.46 11.59 -33.89
N ASP A 86 22.36 11.80 -34.84
CA ASP A 86 23.75 11.32 -34.73
C ASP A 86 24.55 12.03 -33.63
N ILE A 87 24.37 13.34 -33.54
CA ILE A 87 25.07 14.10 -32.53
C ILE A 87 24.50 13.79 -31.15
N LEU A 88 23.19 13.63 -31.05
CA LEU A 88 22.54 13.27 -29.79
C LEU A 88 22.94 11.86 -29.36
N GLN A 89 23.06 10.96 -30.33
CA GLN A 89 23.47 9.59 -30.02
C GLN A 89 24.91 9.62 -29.51
N ASN A 90 25.77 10.42 -30.15
CA ASN A 90 27.15 10.49 -29.70
C ASN A 90 27.22 10.98 -28.25
N TRP A 91 26.43 12.00 -27.90
CA TRP A 91 26.45 12.47 -26.52
C TRP A 91 25.88 11.40 -25.59
N THR A 92 24.85 10.69 -26.05
CA THR A 92 24.27 9.61 -25.26
C THR A 92 25.36 8.59 -24.92
N GLU A 93 26.16 8.21 -25.92
CA GLU A 93 27.22 7.24 -25.72
C GLU A 93 28.29 7.77 -24.79
N LEU A 94 28.69 9.04 -24.95
CA LEU A 94 29.69 9.62 -24.03
C LEU A 94 29.13 9.58 -22.61
N GLY A 95 27.83 9.79 -22.47
CA GLY A 95 27.20 9.76 -21.15
C GLY A 95 27.09 8.36 -20.57
N LEU A 96 26.66 7.38 -21.37
CA LEU A 96 26.51 6.01 -20.89
C LEU A 96 27.88 5.41 -20.50
N LYS A 97 28.91 5.84 -21.19
CA LYS A 97 30.26 5.36 -20.89
C LYS A 97 30.69 5.90 -19.50
N ALA A 98 30.44 7.18 -19.26
CA ALA A 98 30.79 7.78 -17.97
C ALA A 98 30.00 7.08 -16.87
N ILE A 99 28.73 6.81 -17.14
CA ILE A 99 27.89 6.12 -16.16
C ILE A 99 28.51 4.74 -15.97
N GLY A 100 28.80 4.08 -17.10
CA GLY A 100 29.36 2.75 -17.06
C GLY A 100 30.71 2.64 -16.35
N ASN A 101 31.43 3.74 -16.26
CA ASN A 101 32.72 3.71 -15.60
C ASN A 101 32.63 4.14 -14.14
N GLY A 102 31.42 4.34 -13.65
CA GLY A 102 31.22 4.76 -12.28
C GLY A 102 31.62 6.20 -11.98
N GLU A 103 31.63 7.04 -13.01
CA GLU A 103 32.04 8.42 -12.85
C GLU A 103 30.89 9.39 -12.68
N VAL A 104 29.66 8.88 -12.63
CA VAL A 104 28.48 9.74 -12.51
C VAL A 104 27.68 9.59 -11.22
N ALA A 105 27.42 10.70 -10.55
CA ALA A 105 26.60 10.66 -9.35
C ALA A 105 25.49 11.69 -9.53
N VAL A 106 24.42 11.54 -8.74
CA VAL A 106 23.27 12.41 -8.81
C VAL A 106 22.98 13.08 -7.47
N LEU A 107 22.74 14.38 -7.50
CA LEU A 107 22.43 15.16 -6.29
C LEU A 107 20.97 15.58 -6.34
N LEU A 108 20.15 15.07 -5.43
CA LEU A 108 18.73 15.44 -5.42
C LEU A 108 18.35 16.45 -4.32
N MET A 109 17.67 17.53 -4.70
CA MET A 109 17.20 18.54 -3.75
C MET A 109 15.78 18.08 -3.44
N ALA A 110 15.63 17.32 -2.36
CA ALA A 110 14.34 16.75 -1.97
C ALA A 110 13.40 17.75 -1.31
N GLY A 111 13.99 18.81 -0.77
CA GLY A 111 13.20 19.82 -0.10
C GLY A 111 12.63 19.20 1.15
N GLY A 112 11.52 19.75 1.60
CA GLY A 112 10.88 19.25 2.79
C GLY A 112 9.50 18.69 2.51
N GLN A 113 8.59 18.82 3.47
CA GLN A 113 7.22 18.29 3.36
C GLN A 113 6.39 18.90 2.23
N GLY A 114 5.51 18.08 1.66
CA GLY A 114 4.64 18.55 0.59
C GLY A 114 3.43 19.26 1.13
N THR A 115 3.61 20.01 2.22
CA THR A 115 2.53 20.75 2.87
C THR A 115 1.65 21.51 1.86
N ARG A 116 2.28 22.32 1.01
CA ARG A 116 1.55 23.10 0.00
C ARG A 116 0.68 22.22 -0.90
N LEU A 117 1.08 20.98 -1.08
CA LEU A 117 0.33 20.04 -1.91
C LEU A 117 -0.78 19.35 -1.10
N GLY A 118 -0.83 19.62 0.19
CA GLY A 118 -1.83 19.01 1.03
C GLY A 118 -1.34 17.77 1.78
N SER A 119 -0.02 17.58 1.84
CA SER A 119 0.57 16.44 2.53
C SER A 119 1.64 16.83 3.54
N SER A 120 1.69 16.10 4.64
CA SER A 120 2.67 16.34 5.70
C SER A 120 3.96 15.61 5.36
N ALA A 121 3.82 14.57 4.55
CA ALA A 121 4.95 13.74 4.10
C ALA A 121 5.92 14.50 3.19
N PRO A 122 7.14 13.96 3.02
CA PRO A 122 8.14 14.62 2.16
C PRO A 122 7.59 14.67 0.74
N LYS A 123 7.84 15.77 0.04
CA LYS A 123 7.36 15.94 -1.34
C LYS A 123 7.69 14.77 -2.26
N GLY A 124 8.84 14.13 -2.05
CA GLY A 124 9.20 13.01 -2.91
C GLY A 124 8.26 11.81 -2.75
N CYS A 125 7.55 11.74 -1.63
CA CYS A 125 6.60 10.63 -1.41
C CYS A 125 5.29 10.91 -2.13
N PHE A 126 5.11 12.13 -2.63
CA PHE A 126 3.85 12.45 -3.28
C PHE A 126 3.51 11.51 -4.41
N ASN A 127 2.22 11.21 -4.51
CA ASN A 127 1.66 10.28 -5.48
C ASN A 127 0.76 11.07 -6.42
N ILE A 128 1.15 11.22 -7.68
CA ILE A 128 0.33 11.97 -8.60
C ILE A 128 -0.80 11.17 -9.23
N GLU A 129 -1.03 9.97 -8.70
CA GLU A 129 -2.13 9.10 -9.17
C GLU A 129 -1.93 8.49 -10.54
N LEU A 130 -0.69 8.16 -10.88
CA LEU A 130 -0.46 7.51 -12.17
C LEU A 130 -1.12 6.14 -11.99
N PRO A 131 -1.34 5.41 -13.07
CA PRO A 131 -1.96 4.09 -12.88
C PRO A 131 -1.12 3.23 -11.92
N SER A 132 0.20 3.39 -11.94
CA SER A 132 1.06 2.59 -11.06
C SER A 132 1.05 3.11 -9.63
N GLN A 133 0.54 4.31 -9.41
CA GLN A 133 0.50 4.88 -8.06
C GLN A 133 1.92 5.07 -7.48
N LYS A 134 2.94 5.20 -8.32
CA LYS A 134 4.29 5.37 -7.83
C LYS A 134 4.60 6.81 -7.42
N SER A 135 5.23 6.96 -6.25
CA SER A 135 5.64 8.29 -5.74
C SER A 135 6.75 8.86 -6.62
N LEU A 136 7.01 10.14 -6.45
CA LEU A 136 8.09 10.81 -7.21
C LEU A 136 9.43 10.10 -6.94
N PHE A 137 9.70 9.80 -5.67
CA PHE A 137 10.93 9.09 -5.29
C PHE A 137 11.10 7.77 -6.06
N GLN A 138 9.99 7.02 -6.24
CA GLN A 138 10.08 5.73 -6.93
C GLN A 138 10.30 5.86 -8.43
N ILE A 139 9.67 6.87 -9.01
CA ILE A 139 9.83 7.14 -10.44
C ILE A 139 11.32 7.48 -10.70
N GLN A 140 11.91 8.33 -9.87
CA GLN A 140 13.32 8.70 -10.05
C GLN A 140 14.26 7.51 -9.82
N ALA A 141 13.93 6.67 -8.84
CA ALA A 141 14.74 5.48 -8.52
C ALA A 141 14.74 4.46 -9.67
N GLU A 142 13.59 4.26 -10.31
CA GLU A 142 13.51 3.31 -11.43
C GLU A 142 14.20 3.91 -12.65
N LYS A 143 14.12 5.24 -12.74
CA LYS A 143 14.77 5.97 -13.81
C LYS A 143 16.28 5.72 -13.65
N ILE A 144 16.77 5.74 -12.42
CA ILE A 144 18.20 5.50 -12.21
C ILE A 144 18.55 4.05 -12.52
N LEU A 145 17.74 3.12 -12.03
CA LEU A 145 17.98 1.71 -12.26
C LEU A 145 18.03 1.46 -13.76
N LYS A 146 17.05 2.01 -14.48
CA LYS A 146 17.00 1.83 -15.91
C LYS A 146 18.26 2.30 -16.65
N ILE A 147 18.67 3.54 -16.44
CA ILE A 147 19.84 4.07 -17.13
C ILE A 147 21.11 3.30 -16.76
N GLU A 148 21.19 2.78 -15.54
CA GLU A 148 22.35 1.96 -15.16
C GLU A 148 22.38 0.72 -16.07
N GLN A 149 21.21 0.14 -16.38
CA GLN A 149 21.17 -1.03 -17.25
C GLN A 149 21.51 -0.68 -18.69
N LEU A 150 21.03 0.46 -19.18
CA LEU A 150 21.33 0.88 -20.53
C LEU A 150 22.84 1.13 -20.66
N ALA A 151 23.47 1.68 -19.62
CA ALA A 151 24.91 1.91 -19.65
C ALA A 151 25.63 0.55 -19.67
N GLN A 152 25.15 -0.39 -18.84
CA GLN A 152 25.73 -1.71 -18.79
C GLN A 152 25.64 -2.41 -20.16
N GLN A 153 24.51 -2.25 -20.84
CA GLN A 153 24.30 -2.86 -22.15
C GLN A 153 25.28 -2.23 -23.15
N TYR A 154 25.34 -0.91 -23.14
CA TYR A 154 26.24 -0.21 -24.05
C TYR A 154 27.68 -0.67 -23.90
N LEU A 155 28.18 -0.79 -22.67
CA LEU A 155 29.56 -1.23 -22.46
C LEU A 155 29.74 -2.74 -22.48
N LYS A 156 28.64 -3.48 -22.41
CA LYS A 156 28.68 -4.95 -22.38
C LYS A 156 29.36 -5.42 -21.10
N SER A 157 29.01 -4.83 -19.97
CA SER A 157 29.64 -5.20 -18.70
C SER A 157 28.96 -6.41 -18.08
N THR A 158 29.67 -7.07 -17.16
CA THR A 158 29.12 -8.25 -16.51
C THR A 158 28.07 -7.86 -15.48
N LYS A 159 28.24 -6.71 -14.83
CA LYS A 159 27.26 -6.21 -13.85
C LYS A 159 26.95 -4.73 -14.10
N LYS A 160 25.80 -4.26 -13.64
CA LYS A 160 25.47 -2.88 -13.90
C LYS A 160 26.31 -1.89 -13.09
N PRO A 161 26.56 -0.71 -13.68
CA PRO A 161 27.33 0.30 -12.98
C PRO A 161 26.45 0.85 -11.87
N ILE A 162 27.07 1.62 -10.98
CA ILE A 162 26.41 2.23 -9.84
C ILE A 162 26.38 3.74 -9.98
N ILE A 163 25.20 4.31 -9.79
CA ILE A 163 25.06 5.75 -9.83
C ILE A 163 24.62 6.13 -8.42
N ASN A 164 25.57 6.62 -7.64
CA ASN A 164 25.26 7.05 -6.28
C ASN A 164 24.27 8.20 -6.35
N TRP A 165 23.25 8.10 -5.52
CA TRP A 165 22.16 9.05 -5.41
C TRP A 165 22.18 9.76 -4.08
N TYR A 166 22.72 10.98 -4.01
CA TYR A 166 22.76 11.72 -2.76
C TYR A 166 21.51 12.60 -2.65
N ILE A 167 20.70 12.30 -1.65
CA ILE A 167 19.45 13.00 -1.42
C ILE A 167 19.54 13.95 -0.23
N MET A 168 19.40 15.23 -0.52
CA MET A 168 19.47 16.26 0.50
C MET A 168 18.09 16.53 1.04
N THR A 169 17.88 16.15 2.29
CA THR A 169 16.58 16.34 2.91
C THR A 169 16.65 17.49 3.92
N SER A 170 15.49 18.02 4.31
CA SER A 170 15.50 19.07 5.33
C SER A 170 15.60 18.26 6.63
N GLY A 171 16.05 18.89 7.71
CA GLY A 171 16.16 18.17 8.98
C GLY A 171 14.90 17.46 9.43
N PRO A 172 13.71 18.08 9.29
CA PRO A 172 12.43 17.48 9.71
C PRO A 172 11.86 16.33 8.86
N THR A 173 12.29 16.22 7.62
CA THR A 173 11.79 15.15 6.74
C THR A 173 12.79 14.02 6.59
N ARG A 174 13.93 14.15 7.25
CA ARG A 174 14.99 13.15 7.17
C ARG A 174 14.53 11.74 7.54
N ASN A 175 13.94 11.54 8.71
CA ASN A 175 13.52 10.19 9.11
C ASN A 175 12.45 9.59 8.19
N ALA A 176 11.42 10.37 7.92
CA ALA A 176 10.32 9.91 7.08
C ALA A 176 10.80 9.60 5.67
N THR A 177 11.86 10.24 5.21
CA THR A 177 12.35 9.97 3.86
C THR A 177 13.12 8.66 3.85
N GLU A 178 14.00 8.50 4.83
CA GLU A 178 14.78 7.27 4.91
C GLU A 178 13.91 6.06 5.22
N SER A 179 12.91 6.22 6.09
CA SER A 179 12.03 5.08 6.41
C SER A 179 11.25 4.66 5.16
N PHE A 180 10.77 5.64 4.41
CA PHE A 180 10.05 5.39 3.17
C PHE A 180 10.91 4.53 2.23
N PHE A 181 12.17 4.92 2.04
CA PHE A 181 13.07 4.13 1.18
C PHE A 181 13.30 2.71 1.72
N ILE A 182 13.51 2.61 3.03
CA ILE A 182 13.74 1.30 3.67
C ILE A 182 12.50 0.42 3.54
N GLU A 183 11.34 0.98 3.86
CA GLU A 183 10.10 0.24 3.73
C GLU A 183 9.94 -0.27 2.30
N ASN A 184 10.42 0.48 1.31
CA ASN A 184 10.28 0.06 -0.07
C ASN A 184 11.50 -0.64 -0.64
N ASN A 185 12.40 -1.04 0.26
CA ASN A 185 13.61 -1.74 -0.16
C ASN A 185 14.38 -0.96 -1.21
N TYR A 186 14.36 0.37 -1.09
CA TYR A 186 15.09 1.26 -1.99
C TYR A 186 14.65 1.21 -3.45
N PHE A 187 13.44 0.68 -3.68
CA PHE A 187 12.88 0.58 -5.02
C PHE A 187 13.76 -0.17 -6.01
N GLY A 188 14.50 -1.16 -5.54
CA GLY A 188 15.37 -1.92 -6.44
C GLY A 188 16.82 -1.44 -6.49
N LEU A 189 17.12 -0.29 -5.88
CA LEU A 189 18.50 0.21 -5.87
C LEU A 189 19.28 -0.46 -4.73
N ASN A 190 20.61 -0.40 -4.78
CA ASN A 190 21.45 -0.95 -3.71
C ASN A 190 21.27 0.01 -2.53
N SER A 191 21.14 -0.51 -1.33
CA SER A 191 20.94 0.33 -0.17
C SER A 191 22.10 1.29 0.09
N HIS A 192 23.30 0.93 -0.37
CA HIS A 192 24.46 1.79 -0.19
C HIS A 192 24.55 2.92 -1.22
N GLN A 193 23.76 2.88 -2.28
CA GLN A 193 23.84 3.94 -3.27
C GLN A 193 22.84 5.06 -3.03
N VAL A 194 22.07 4.96 -1.96
CA VAL A 194 21.13 6.03 -1.63
C VAL A 194 21.71 6.64 -0.35
N ILE A 195 22.22 7.85 -0.47
CA ILE A 195 22.88 8.52 0.65
C ILE A 195 22.17 9.80 1.07
N PHE A 196 21.71 9.81 2.32
CA PHE A 196 20.95 10.95 2.85
C PHE A 196 21.79 11.94 3.64
N PHE A 197 21.53 13.24 3.42
CA PHE A 197 22.21 14.27 4.17
C PHE A 197 21.27 15.46 4.33
N ASN A 198 21.33 16.11 5.49
CA ASN A 198 20.46 17.22 5.80
C ASN A 198 20.93 18.59 5.35
N GLN A 199 19.99 19.36 4.85
CA GLN A 199 20.21 20.73 4.42
C GLN A 199 20.21 21.59 5.70
N GLY A 200 20.90 22.73 5.65
CA GLY A 200 20.94 23.62 6.79
C GLY A 200 19.69 24.50 6.93
N THR A 201 19.70 25.37 7.92
CA THR A 201 18.56 26.27 8.16
C THR A 201 19.10 27.66 8.50
N LEU A 202 18.22 28.64 8.47
CA LEU A 202 18.53 30.03 8.80
C LEU A 202 17.38 30.58 9.63
N PRO A 203 17.66 31.44 10.63
CA PRO A 203 16.60 31.99 11.44
C PRO A 203 15.65 32.81 10.57
N CYS A 204 14.41 32.91 11.00
CA CYS A 204 13.43 33.73 10.30
C CYS A 204 13.44 35.07 11.02
N PHE A 205 13.24 36.17 10.28
CA PHE A 205 13.24 37.51 10.88
C PHE A 205 11.91 38.22 10.70
N ASN A 206 11.73 39.30 11.46
CA ASN A 206 10.54 40.12 11.38
C ASN A 206 10.64 40.86 10.03
N LEU A 207 9.58 41.53 9.60
CA LEU A 207 9.55 42.24 8.31
C LEU A 207 10.68 43.23 8.06
N GLN A 208 11.22 43.82 9.11
CA GLN A 208 12.28 44.79 8.95
C GLN A 208 13.64 44.08 8.86
N GLY A 209 13.61 42.77 9.06
CA GLY A 209 14.83 41.99 8.99
C GLY A 209 15.91 42.32 9.99
N ASN A 210 15.54 42.86 11.15
CA ASN A 210 16.55 43.19 12.17
C ASN A 210 16.40 42.35 13.44
N LYS A 211 15.25 41.72 13.60
CA LYS A 211 15.03 40.89 14.78
C LYS A 211 14.64 39.45 14.45
N ILE A 212 15.33 38.49 15.07
CA ILE A 212 14.98 37.09 14.84
C ILE A 212 13.66 36.82 15.56
N LEU A 213 12.78 36.02 14.95
CA LEU A 213 11.47 35.70 15.54
C LEU A 213 11.47 34.51 16.46
N LEU A 214 10.66 34.60 17.50
CA LEU A 214 10.51 33.48 18.43
C LEU A 214 9.35 32.64 17.95
N GLU A 215 9.59 31.34 17.82
CA GLU A 215 8.52 30.45 17.42
C GLU A 215 7.74 30.11 18.69
N LEU A 216 8.51 29.85 19.74
CA LEU A 216 8.00 29.53 21.07
C LEU A 216 8.81 30.39 22.04
N LYS A 217 8.42 30.38 23.31
CA LYS A 217 9.13 31.16 24.31
C LYS A 217 10.56 30.66 24.49
N ASN A 218 10.82 29.42 24.06
CA ASN A 218 12.17 28.87 24.18
C ASN A 218 12.69 28.29 22.86
N SER A 219 12.20 28.84 21.74
CA SER A 219 12.62 28.37 20.43
C SER A 219 12.47 29.45 19.34
N ILE A 220 13.50 29.60 18.49
CA ILE A 220 13.43 30.58 17.42
C ILE A 220 12.85 29.95 16.15
N CYS A 221 12.30 30.79 15.26
CA CYS A 221 11.78 30.34 13.99
C CYS A 221 12.98 30.06 13.10
N GLN A 222 12.94 28.94 12.38
CA GLN A 222 14.01 28.54 11.46
C GLN A 222 13.40 27.91 10.21
N SER A 223 14.13 27.94 9.10
CA SER A 223 13.65 27.32 7.87
C SER A 223 14.81 26.94 6.95
N PRO A 224 14.59 25.93 6.09
CA PRO A 224 15.62 25.47 5.15
C PRO A 224 16.21 26.68 4.46
N ASP A 225 17.53 26.71 4.37
CA ASP A 225 18.22 27.85 3.79
C ASP A 225 18.26 27.99 2.26
N GLY A 226 17.32 27.35 1.56
CA GLY A 226 17.27 27.45 0.10
C GLY A 226 18.14 26.40 -0.58
N ASN A 227 17.89 26.11 -1.86
CA ASN A 227 18.69 25.11 -2.53
C ASN A 227 20.15 25.56 -2.65
N GLY A 228 20.40 26.87 -2.54
CA GLY A 228 21.76 27.38 -2.60
C GLY A 228 22.58 26.93 -1.39
N GLY A 229 21.88 26.41 -0.38
CA GLY A 229 22.58 25.93 0.82
C GLY A 229 23.10 24.53 0.62
N LEU A 230 22.94 24.02 -0.59
CA LEU A 230 23.40 22.68 -0.91
C LEU A 230 24.93 22.58 -0.84
N TYR A 231 25.62 23.64 -1.28
CA TYR A 231 27.08 23.58 -1.29
C TYR A 231 27.68 23.40 0.09
N LYS A 232 27.25 24.18 1.07
CA LYS A 232 27.78 24.05 2.43
C LYS A 232 27.36 22.70 3.06
N ALA A 233 26.15 22.25 2.75
CA ALA A 233 25.67 20.99 3.27
C ALA A 233 26.54 19.86 2.68
N LEU A 234 26.94 19.99 1.41
CA LEU A 234 27.79 18.98 0.77
C LEU A 234 29.10 18.87 1.53
N LYS A 235 29.73 20.02 1.77
CA LYS A 235 30.99 20.02 2.47
C LYS A 235 30.85 19.50 3.88
N ASP A 236 29.96 20.11 4.67
CA ASP A 236 29.75 19.73 6.06
C ASP A 236 29.36 18.26 6.32
N ASN A 237 28.64 17.64 5.40
CA ASN A 237 28.21 16.26 5.59
C ASN A 237 29.12 15.26 4.92
N GLY A 238 30.32 15.70 4.55
CA GLY A 238 31.27 14.82 3.91
C GLY A 238 30.84 14.29 2.55
N ILE A 239 29.93 14.98 1.87
CA ILE A 239 29.48 14.52 0.54
C ILE A 239 30.54 14.76 -0.53
N LEU A 240 31.16 15.93 -0.53
CA LEU A 240 32.22 16.20 -1.50
C LEU A 240 33.37 15.19 -1.23
N ASP A 241 33.63 14.90 0.05
CA ASP A 241 34.69 13.92 0.41
C ASP A 241 34.39 12.58 -0.28
N ASP A 242 33.12 12.15 -0.16
CA ASP A 242 32.68 10.89 -0.75
C ASP A 242 32.87 10.88 -2.26
N LEU A 243 32.58 12.02 -2.89
CA LEU A 243 32.72 12.13 -4.34
C LEU A 243 34.14 11.84 -4.75
N ASN A 244 35.09 12.34 -3.97
CA ASN A 244 36.50 12.12 -4.25
C ASN A 244 36.88 10.66 -3.93
N SER A 245 36.39 10.14 -2.81
CA SER A 245 36.71 8.77 -2.44
C SER A 245 36.19 7.73 -3.43
N LYS A 246 35.07 8.03 -4.08
CA LYS A 246 34.48 7.10 -5.05
C LYS A 246 34.94 7.39 -6.50
N GLY A 247 35.80 8.39 -6.64
CA GLY A 247 36.30 8.74 -7.96
C GLY A 247 35.23 9.23 -8.90
N ILE A 248 34.25 9.97 -8.38
CA ILE A 248 33.18 10.50 -9.23
C ILE A 248 33.71 11.73 -9.97
N LYS A 249 33.38 11.86 -11.26
CA LYS A 249 33.84 13.01 -12.05
C LYS A 249 32.71 13.93 -12.49
N HIS A 250 31.49 13.37 -12.62
CA HIS A 250 30.34 14.11 -13.08
C HIS A 250 29.12 14.08 -12.16
N ILE A 251 28.51 15.25 -11.96
CA ILE A 251 27.34 15.40 -11.11
C ILE A 251 26.12 15.97 -11.82
N HIS A 252 24.98 15.30 -11.65
CA HIS A 252 23.73 15.80 -12.22
C HIS A 252 22.91 16.16 -11.00
N MET A 253 22.43 17.38 -10.97
CA MET A 253 21.65 17.85 -9.84
C MET A 253 20.29 18.35 -10.32
N TYR A 254 19.23 17.94 -9.63
CA TYR A 254 17.90 18.36 -10.01
C TYR A 254 16.98 18.41 -8.77
N CYS A 255 15.77 18.92 -8.96
CA CYS A 255 14.79 19.06 -7.90
C CYS A 255 13.80 17.92 -8.01
N VAL A 256 13.40 17.39 -6.86
CA VAL A 256 12.48 16.27 -6.79
C VAL A 256 11.07 16.50 -7.38
N ASP A 257 10.63 17.75 -7.49
CA ASP A 257 9.28 18.03 -7.98
C ASP A 257 9.04 17.89 -9.49
N ASN A 258 10.08 17.64 -10.26
CA ASN A 258 9.91 17.46 -11.71
C ASN A 258 9.58 15.99 -12.01
N CYS A 259 8.30 15.71 -12.27
CA CYS A 259 7.90 14.33 -12.51
C CYS A 259 8.34 13.73 -13.83
N LEU A 260 8.85 14.54 -14.75
CA LEU A 260 9.34 14.01 -16.03
C LEU A 260 10.88 13.92 -16.07
N VAL A 261 11.53 14.32 -15.00
CA VAL A 261 12.99 14.38 -14.99
C VAL A 261 13.81 13.18 -15.45
N LYS A 262 14.67 13.42 -16.44
CA LYS A 262 15.60 12.39 -16.96
C LYS A 262 16.78 12.39 -15.99
N VAL A 263 16.73 11.53 -14.98
CA VAL A 263 17.80 11.46 -13.98
C VAL A 263 19.07 10.86 -14.61
N ALA A 264 20.21 11.52 -14.38
CA ALA A 264 21.49 11.05 -14.94
C ALA A 264 21.43 10.94 -16.46
N ASP A 265 20.65 11.82 -17.07
CA ASP A 265 20.49 11.86 -18.51
C ASP A 265 21.85 11.82 -19.22
N PRO A 266 22.11 10.76 -20.01
CA PRO A 266 23.40 10.69 -20.70
C PRO A 266 23.62 11.79 -21.73
N ILE A 267 22.56 12.27 -22.37
CA ILE A 267 22.74 13.33 -23.35
C ILE A 267 23.31 14.58 -22.69
N PHE A 268 22.77 14.94 -21.53
CA PHE A 268 23.24 16.12 -20.78
C PHE A 268 24.66 15.98 -20.31
N ILE A 269 25.04 14.76 -19.94
CA ILE A 269 26.38 14.51 -19.47
C ILE A 269 27.33 14.46 -20.65
N GLY A 270 26.89 13.84 -21.74
CA GLY A 270 27.73 13.75 -22.92
C GLY A 270 28.03 15.13 -23.46
N PHE A 271 27.02 15.98 -23.41
CA PHE A 271 27.09 17.37 -23.84
C PHE A 271 28.22 18.09 -23.05
N ALA A 272 28.23 17.93 -21.73
CA ALA A 272 29.24 18.58 -20.90
C ALA A 272 30.62 17.99 -21.17
N ILE A 273 30.65 16.67 -21.38
CA ILE A 273 31.91 15.99 -21.64
C ILE A 273 32.46 16.40 -23.00
N ALA A 274 31.61 16.34 -24.02
CA ALA A 274 32.00 16.70 -25.38
C ALA A 274 32.58 18.10 -25.45
N LYS A 275 31.98 19.01 -24.71
CA LYS A 275 32.41 20.42 -24.70
C LYS A 275 33.37 20.76 -23.57
N LYS A 276 33.71 19.80 -22.72
CA LYS A 276 34.57 20.05 -21.58
C LYS A 276 34.05 21.20 -20.72
N PHE A 277 32.77 21.19 -20.36
CA PHE A 277 32.21 22.25 -19.52
C PHE A 277 32.46 21.98 -18.02
N ASP A 278 32.64 23.03 -17.22
CA ASP A 278 32.78 22.88 -15.77
C ASP A 278 31.36 22.87 -15.20
N LEU A 279 30.48 23.60 -15.88
CA LEU A 279 29.11 23.77 -15.43
C LEU A 279 28.16 23.89 -16.61
N ALA A 280 26.96 23.33 -16.47
CA ALA A 280 25.96 23.39 -17.52
C ALA A 280 24.59 23.34 -16.87
N THR A 281 23.57 23.77 -17.61
CA THR A 281 22.23 23.80 -17.09
C THR A 281 21.19 23.55 -18.18
N LYS A 282 20.00 23.08 -17.81
CA LYS A 282 18.92 22.82 -18.78
C LYS A 282 17.86 23.90 -18.77
N VAL A 283 17.30 24.20 -19.94
CA VAL A 283 16.25 25.20 -20.03
C VAL A 283 15.21 24.71 -21.03
N VAL A 284 14.04 25.31 -20.99
CA VAL A 284 12.97 25.00 -21.95
C VAL A 284 12.41 26.37 -22.30
N ARG A 285 11.75 26.49 -23.45
CA ARG A 285 11.15 27.77 -23.86
C ARG A 285 10.14 28.20 -22.81
N LYS A 286 10.22 29.46 -22.39
CA LYS A 286 9.30 29.96 -21.37
C LYS A 286 7.82 29.74 -21.79
N ARG A 287 6.99 29.27 -20.86
CA ARG A 287 5.58 29.02 -21.15
C ARG A 287 4.91 30.34 -21.52
N ASP A 288 4.89 31.28 -20.58
CA ASP A 288 4.33 32.61 -20.83
C ASP A 288 5.02 33.66 -19.97
N ALA A 289 4.82 34.93 -20.32
CA ALA A 289 5.46 36.03 -19.61
C ALA A 289 5.35 35.91 -18.10
N ASN A 290 4.20 35.44 -17.60
CA ASN A 290 3.98 35.33 -16.17
C ASN A 290 4.40 34.01 -15.50
N GLU A 291 4.91 33.05 -16.28
CA GLU A 291 5.32 31.78 -15.67
C GLU A 291 6.37 32.08 -14.59
N SER A 292 6.18 31.51 -13.41
CA SER A 292 7.09 31.70 -12.29
C SER A 292 8.27 30.77 -12.54
N VAL A 293 9.16 31.24 -13.40
CA VAL A 293 10.31 30.47 -13.81
C VAL A 293 11.54 31.42 -13.91
N GLY A 294 12.69 30.97 -13.42
CA GLY A 294 13.90 31.80 -13.53
C GLY A 294 14.33 31.82 -14.99
N LEU A 295 15.11 32.83 -15.41
CA LEU A 295 15.55 32.91 -16.80
C LEU A 295 17.08 32.97 -16.94
N ILE A 296 17.65 32.09 -17.75
CA ILE A 296 19.11 32.07 -17.93
C ILE A 296 19.50 33.11 -18.96
N VAL A 297 20.34 34.06 -18.56
CA VAL A 297 20.76 35.10 -19.48
C VAL A 297 22.24 35.35 -19.35
N LEU A 298 22.72 36.35 -20.10
CA LEU A 298 24.10 36.76 -20.03
C LEU A 298 24.04 38.14 -19.41
N ASP A 299 24.77 38.33 -18.32
CA ASP A 299 24.80 39.64 -17.68
C ASP A 299 25.78 40.46 -18.52
N GLN A 300 25.27 41.45 -19.25
CA GLN A 300 26.14 42.26 -20.10
C GLN A 300 27.18 43.03 -19.30
N ASP A 301 26.85 43.38 -18.06
CA ASP A 301 27.77 44.13 -17.22
C ASP A 301 29.11 43.41 -16.95
N ASN A 302 29.05 42.12 -16.63
CA ASN A 302 30.26 41.38 -16.35
C ASN A 302 30.54 40.28 -17.38
N GLN A 303 29.70 40.21 -18.41
CA GLN A 303 29.83 39.19 -19.47
C GLN A 303 29.84 37.78 -18.90
N LYS A 304 29.00 37.53 -17.90
CA LYS A 304 28.92 36.24 -17.25
C LYS A 304 27.51 35.68 -17.32
N PRO A 305 27.38 34.34 -17.38
CA PRO A 305 26.02 33.80 -17.43
C PRO A 305 25.40 33.93 -16.04
N CYS A 306 24.08 33.97 -15.98
CA CYS A 306 23.39 34.05 -14.70
C CYS A 306 21.91 33.78 -14.87
N VAL A 307 21.22 33.67 -13.74
CA VAL A 307 19.81 33.42 -13.75
C VAL A 307 19.09 34.51 -12.98
N ILE A 308 18.03 35.07 -13.56
CA ILE A 308 17.21 36.09 -12.91
C ILE A 308 15.94 35.37 -12.43
N GLU A 309 15.74 35.28 -11.12
CA GLU A 309 14.58 34.60 -10.54
C GLU A 309 13.31 35.32 -10.93
N TYR A 310 12.19 34.61 -10.91
CA TYR A 310 10.89 35.19 -11.31
C TYR A 310 10.35 36.20 -10.33
N SER A 311 10.83 36.11 -9.09
CA SER A 311 10.39 36.99 -8.02
C SER A 311 11.25 38.25 -7.91
N GLU A 312 12.15 38.44 -8.86
CA GLU A 312 13.06 39.59 -8.80
C GLU A 312 13.33 40.24 -10.15
N ILE A 313 12.67 39.73 -11.18
CA ILE A 313 12.84 40.27 -12.51
C ILE A 313 11.85 41.42 -12.67
N SER A 314 12.24 42.42 -13.46
CA SER A 314 11.34 43.55 -13.67
C SER A 314 10.15 43.05 -14.45
N GLN A 315 8.98 43.63 -14.18
CA GLN A 315 7.77 43.24 -14.89
C GLN A 315 7.94 43.74 -16.32
N GLU A 316 8.89 44.66 -16.50
CA GLU A 316 9.19 45.26 -17.80
C GLU A 316 10.05 44.33 -18.62
N LEU A 317 11.00 43.68 -17.95
CA LEU A 317 11.90 42.76 -18.62
C LEU A 317 11.19 41.43 -18.91
N ALA A 318 10.31 41.02 -18.00
CA ALA A 318 9.57 39.78 -18.15
C ALA A 318 8.65 39.78 -19.39
N ASN A 319 8.09 40.94 -19.71
CA ASN A 319 7.20 41.07 -20.85
C ASN A 319 7.89 41.65 -22.09
N LYS A 320 9.16 41.98 -21.97
CA LYS A 320 9.88 42.53 -23.10
C LYS A 320 9.88 41.56 -24.29
N LYS A 321 9.47 42.06 -25.45
CA LYS A 321 9.45 41.25 -26.66
C LYS A 321 10.85 41.23 -27.26
N ASP A 322 11.12 40.17 -28.03
CA ASP A 322 12.41 39.98 -28.66
C ASP A 322 12.60 40.86 -29.89
N PRO A 323 13.67 41.68 -29.89
CA PRO A 323 14.00 42.58 -31.01
C PRO A 323 14.01 41.91 -32.39
N GLN A 324 14.57 40.71 -32.50
CA GLN A 324 14.62 40.02 -33.79
C GLN A 324 13.33 39.25 -34.11
N ASP A 325 12.34 39.32 -33.21
CA ASP A 325 11.05 38.66 -33.39
C ASP A 325 10.02 39.17 -32.36
N SER A 326 9.02 39.90 -32.84
CA SER A 326 7.97 40.47 -31.98
C SER A 326 7.03 39.40 -31.37
N SER A 327 7.00 38.22 -31.97
CA SER A 327 6.15 37.14 -31.49
C SER A 327 6.73 36.44 -30.26
N LYS A 328 8.06 36.52 -30.10
CA LYS A 328 8.73 35.86 -28.98
C LYS A 328 9.13 36.77 -27.82
N LEU A 329 9.25 36.18 -26.63
CA LEU A 329 9.69 36.93 -25.47
C LEU A 329 11.22 36.98 -25.59
N PHE A 330 11.80 38.15 -25.31
CA PHE A 330 13.24 38.34 -25.41
C PHE A 330 14.03 37.36 -24.54
N LEU A 331 13.63 37.28 -23.28
CA LEU A 331 14.25 36.37 -22.34
C LEU A 331 13.30 35.18 -22.20
N ARG A 332 13.62 34.09 -22.89
CA ARG A 332 12.77 32.92 -22.87
C ARG A 332 13.41 31.57 -22.51
N ALA A 333 14.66 31.58 -22.03
CA ALA A 333 15.32 30.32 -21.66
C ALA A 333 15.02 30.04 -20.19
N ALA A 334 13.89 29.38 -19.96
CA ALA A 334 13.44 29.08 -18.61
C ALA A 334 14.24 28.01 -17.90
N ASN A 335 14.63 28.33 -16.67
CA ASN A 335 15.39 27.46 -15.81
C ASN A 335 14.56 26.31 -15.25
N ILE A 336 14.98 25.07 -15.49
CA ILE A 336 14.24 23.94 -14.93
C ILE A 336 15.03 23.21 -13.83
N VAL A 337 15.83 23.96 -13.08
CA VAL A 337 16.63 23.42 -11.99
C VAL A 337 17.28 22.09 -12.39
N ASN A 338 18.04 22.08 -13.44
CA ASN A 338 18.67 20.85 -13.92
C ASN A 338 20.09 21.22 -14.32
N HIS A 339 21.01 20.96 -13.39
CA HIS A 339 22.40 21.34 -13.52
C HIS A 339 23.42 20.22 -13.58
N TYR A 340 24.54 20.54 -14.25
CA TYR A 340 25.67 19.63 -14.39
C TYR A 340 26.89 20.35 -13.77
N TYR A 341 27.66 19.61 -13.00
CA TYR A 341 28.87 20.17 -12.42
C TYR A 341 29.94 19.12 -12.57
N SER A 342 31.16 19.52 -12.88
CA SER A 342 32.21 18.55 -12.89
C SER A 342 32.69 18.55 -11.46
N VAL A 343 33.09 17.40 -10.94
CA VAL A 343 33.53 17.31 -9.56
C VAL A 343 34.81 18.10 -9.33
N GLU A 344 35.59 18.25 -10.39
CA GLU A 344 36.83 19.01 -10.33
C GLU A 344 36.47 20.49 -10.06
N PHE A 345 35.43 20.99 -10.73
CA PHE A 345 34.99 22.36 -10.53
C PHE A 345 34.48 22.54 -9.08
N LEU A 346 33.71 21.58 -8.58
CA LEU A 346 33.21 21.64 -7.20
C LEU A 346 34.36 21.67 -6.20
N ASN A 347 35.38 20.85 -6.41
CA ASN A 347 36.53 20.84 -5.49
C ASN A 347 37.20 22.21 -5.42
N LYS A 348 37.35 22.85 -6.56
CA LYS A 348 37.98 24.16 -6.60
C LYS A 348 37.13 25.31 -6.09
N MET A 349 35.83 25.30 -6.45
CA MET A 349 34.88 26.42 -6.14
C MET A 349 34.07 26.37 -4.81
N ILE A 350 33.75 25.20 -4.27
CA ILE A 350 32.92 25.16 -3.07
C ILE A 350 33.49 25.96 -1.89
N PRO A 351 34.80 25.84 -1.60
CA PRO A 351 35.31 26.61 -0.46
C PRO A 351 35.08 28.11 -0.67
N LYS A 352 35.15 28.54 -1.93
CA LYS A 352 34.93 29.94 -2.28
C LYS A 352 33.47 30.33 -2.11
N TRP A 353 32.58 29.53 -2.69
CA TRP A 353 31.16 29.82 -2.62
C TRP A 353 30.57 29.91 -1.23
N ILE A 354 31.00 29.04 -0.31
CA ILE A 354 30.43 29.06 1.02
C ILE A 354 31.04 30.07 1.99
N SER A 355 32.16 30.70 1.63
CA SER A 355 32.78 31.65 2.53
C SER A 355 32.33 33.11 2.38
N SER A 356 31.99 33.54 1.17
CA SER A 356 31.58 34.94 0.96
C SER A 356 30.15 35.05 0.41
N GLN A 357 29.43 36.09 0.85
CA GLN A 357 28.07 36.33 0.39
C GLN A 357 28.05 36.81 -1.06
N LYS A 358 29.23 36.96 -1.65
CA LYS A 358 29.29 37.43 -3.04
C LYS A 358 28.68 36.43 -4.00
N TYR A 359 28.82 35.14 -3.70
CA TYR A 359 28.28 34.11 -4.58
C TYR A 359 26.94 33.55 -4.14
N LEU A 360 26.65 33.68 -2.86
CA LEU A 360 25.41 33.16 -2.30
C LEU A 360 24.70 34.22 -1.46
N PRO A 361 24.32 35.34 -2.09
CA PRO A 361 23.64 36.39 -1.34
C PRO A 361 22.31 35.86 -0.81
N PHE A 362 21.82 36.45 0.27
CA PHE A 362 20.55 36.02 0.82
C PHE A 362 19.44 36.64 0.01
N HIS A 363 18.34 35.90 -0.14
CA HIS A 363 17.17 36.38 -0.84
C HIS A 363 16.07 36.44 0.20
N ILE A 364 15.35 37.57 0.21
CA ILE A 364 14.27 37.84 1.16
C ILE A 364 12.89 37.49 0.62
N ALA A 365 12.13 36.73 1.40
CA ALA A 365 10.76 36.37 1.02
C ALA A 365 9.80 36.64 2.19
N LYS A 366 8.89 37.59 2.01
CA LYS A 366 7.90 37.93 3.04
C LYS A 366 7.02 36.71 3.24
N LYS A 367 6.81 36.31 4.50
CA LYS A 367 6.00 35.13 4.77
C LYS A 367 5.02 35.23 5.93
N LYS A 368 3.99 34.40 5.89
CA LYS A 368 2.99 34.31 6.98
C LYS A 368 3.61 33.23 7.86
N ILE A 369 4.18 33.65 9.00
CA ILE A 369 4.86 32.71 9.88
C ILE A 369 4.27 32.55 11.27
N PRO A 370 3.72 31.36 11.56
CA PRO A 370 3.11 31.06 12.87
C PRO A 370 4.19 31.18 13.95
N SER A 371 3.97 32.05 14.93
CA SER A 371 4.97 32.28 15.97
C SER A 371 4.41 33.11 17.12
N LEU A 372 5.25 33.43 18.11
CA LEU A 372 4.78 34.21 19.24
C LEU A 372 4.17 35.53 18.79
N ASN A 373 3.18 36.00 19.54
CA ASN A 373 2.49 37.26 19.26
C ASN A 373 3.48 38.43 19.21
N GLU A 378 2.26 34.45 23.16
CA GLU A 378 1.35 33.36 22.81
C GLU A 378 1.33 33.08 21.30
N PHE A 379 1.43 31.80 20.94
CA PHE A 379 1.44 31.37 19.55
C PHE A 379 0.27 31.96 18.73
N TYR A 380 0.34 31.80 17.41
CA TYR A 380 -0.69 32.30 16.49
C TYR A 380 -0.27 32.16 15.01
N LYS A 381 -1.20 31.70 14.18
CA LYS A 381 -0.93 31.56 12.75
C LYS A 381 -1.50 32.83 12.09
N PRO A 382 -0.62 33.78 11.72
CA PRO A 382 -0.96 35.07 11.10
C PRO A 382 -1.73 35.06 9.77
N THR A 383 -2.34 36.20 9.45
CA THR A 383 -3.13 36.37 8.22
C THR A 383 -2.27 37.02 7.13
N GLU A 384 -1.75 38.20 7.43
CA GLU A 384 -0.90 38.91 6.48
C GLU A 384 0.55 38.51 6.81
N PRO A 385 1.49 38.74 5.87
CA PRO A 385 2.88 38.38 6.16
C PRO A 385 3.30 39.03 7.48
N ASN A 386 4.02 38.31 8.32
CA ASN A 386 4.46 38.88 9.59
C ASN A 386 5.96 38.77 9.79
N GLY A 387 6.63 38.12 8.85
CA GLY A 387 8.07 37.96 8.94
C GLY A 387 8.75 37.61 7.64
N ILE A 388 10.04 37.37 7.67
CA ILE A 388 10.80 37.00 6.52
C ILE A 388 11.66 35.74 6.60
N LYS A 389 11.67 34.99 5.51
CA LYS A 389 12.48 33.79 5.39
C LYS A 389 13.63 34.12 4.48
N LEU A 390 14.80 33.55 4.78
CA LEU A 390 16.00 33.78 3.99
C LEU A 390 16.32 32.57 3.12
N GLU A 391 16.80 32.85 1.91
CA GLU A 391 17.16 31.78 0.98
C GLU A 391 18.35 32.08 0.10
N GLN A 392 19.19 31.07 -0.07
CA GLN A 392 20.35 31.18 -0.95
C GLN A 392 19.89 30.41 -2.21
N PHE A 393 20.22 30.92 -3.39
CA PHE A 393 19.81 30.24 -4.63
C PHE A 393 21.00 29.50 -5.24
N ILE A 394 20.77 28.25 -5.59
CA ILE A 394 21.79 27.36 -6.17
C ILE A 394 22.54 27.98 -7.37
N PHE A 395 21.81 28.68 -8.23
CA PHE A 395 22.40 29.27 -9.42
C PHE A 395 23.15 30.59 -9.24
N ASP A 396 23.16 31.12 -8.01
CA ASP A 396 23.86 32.37 -7.78
C ASP A 396 25.35 32.24 -8.01
N VAL A 397 25.84 31.01 -8.08
CA VAL A 397 27.25 30.77 -8.32
C VAL A 397 27.60 30.77 -9.82
N PHE A 398 26.59 30.75 -10.70
CA PHE A 398 26.85 30.67 -12.16
C PHE A 398 27.83 31.68 -12.72
N PRO A 399 27.73 32.95 -12.31
CA PRO A 399 28.67 33.95 -12.83
C PRO A 399 30.13 33.78 -12.38
N SER A 400 30.39 32.86 -11.45
CA SER A 400 31.76 32.60 -10.99
C SER A 400 32.44 31.66 -11.99
N VAL A 401 31.67 31.13 -12.95
CA VAL A 401 32.23 30.23 -13.96
C VAL A 401 32.77 31.06 -15.10
N GLU A 402 33.71 30.48 -15.86
CA GLU A 402 34.27 31.15 -17.01
C GLU A 402 33.22 30.94 -18.13
N LEU A 403 32.82 32.01 -18.80
CA LEU A 403 31.81 31.91 -19.86
C LEU A 403 31.96 30.73 -20.83
N ASN A 404 33.17 30.48 -21.32
CA ASN A 404 33.38 29.38 -22.26
C ASN A 404 33.41 28.01 -21.60
N LYS A 405 33.21 27.95 -20.30
CA LYS A 405 33.18 26.65 -19.63
C LYS A 405 31.74 26.35 -19.20
N PHE A 406 30.84 27.25 -19.58
CA PHE A 406 29.42 27.15 -19.24
C PHE A 406 28.58 26.67 -20.43
N GLY A 407 27.67 25.72 -20.16
CA GLY A 407 26.83 25.20 -21.21
C GLY A 407 25.36 25.32 -20.88
N CYS A 408 24.55 25.64 -21.89
CA CYS A 408 23.11 25.76 -21.70
C CYS A 408 22.38 24.89 -22.73
N LEU A 409 21.80 23.79 -22.26
CA LEU A 409 21.09 22.87 -23.13
C LEU A 409 19.58 23.03 -23.12
N GLU A 410 19.01 23.40 -24.25
CA GLU A 410 17.56 23.54 -24.33
C GLU A 410 17.02 22.16 -24.67
N VAL A 411 15.94 21.79 -23.98
CA VAL A 411 15.31 20.50 -24.17
C VAL A 411 13.81 20.70 -24.34
N ASP A 412 13.13 19.62 -24.71
CA ASP A 412 11.69 19.67 -24.94
C ASP A 412 10.91 19.53 -23.64
N ARG A 413 10.14 20.57 -23.32
CA ARG A 413 9.33 20.61 -22.10
C ARG A 413 8.40 19.39 -21.98
N LEU A 414 7.81 18.98 -23.09
CA LEU A 414 6.90 17.83 -23.10
C LEU A 414 7.56 16.55 -22.63
N ASP A 415 8.87 16.41 -22.85
CA ASP A 415 9.56 15.20 -22.42
C ASP A 415 10.36 15.39 -21.14
N GLU A 416 10.60 16.63 -20.75
CA GLU A 416 11.55 16.83 -19.62
C GLU A 416 11.16 17.71 -18.41
N PHE A 417 10.07 18.46 -18.47
CA PHE A 417 9.77 19.35 -17.38
C PHE A 417 8.27 19.50 -17.09
N SER A 418 7.87 19.05 -15.90
CA SER A 418 6.48 19.17 -15.45
C SER A 418 6.57 19.11 -13.94
N PRO A 419 6.66 20.29 -13.31
CA PRO A 419 6.77 20.35 -11.86
C PRO A 419 5.50 20.30 -11.05
N LEU A 420 5.61 19.73 -9.86
CA LEU A 420 4.52 19.64 -8.91
C LEU A 420 4.77 20.78 -7.91
N LYS A 421 4.06 21.90 -8.06
CA LYS A 421 4.23 23.08 -7.20
C LYS A 421 3.01 23.41 -6.35
N ASN A 422 1.82 23.25 -6.93
CA ASN A 422 0.59 23.61 -6.27
C ASN A 422 -0.39 22.46 -6.05
N ALA A 423 -1.22 22.64 -5.02
CA ALA A 423 -2.25 21.67 -4.69
C ALA A 423 -3.26 21.66 -5.84
N ASP A 424 -3.98 20.56 -6.00
CA ASP A 424 -4.99 20.45 -7.06
C ASP A 424 -5.96 21.61 -6.95
N GLY A 425 -6.36 22.14 -8.10
CA GLY A 425 -7.26 23.27 -8.13
C GLY A 425 -6.68 24.37 -9.02
N ALA A 426 -5.38 24.58 -8.89
CA ALA A 426 -4.69 25.58 -9.70
C ALA A 426 -4.65 25.17 -11.16
N LYS A 427 -4.39 26.16 -12.01
CA LYS A 427 -4.30 25.95 -13.43
C LYS A 427 -3.02 25.21 -13.79
N ASN A 428 -1.90 25.63 -13.22
CA ASN A 428 -0.62 24.99 -13.53
C ASN A 428 0.07 24.31 -12.38
N ASP A 429 0.99 23.42 -12.76
CA ASP A 429 1.85 22.67 -11.86
C ASP A 429 1.20 22.02 -10.68
N THR A 430 0.18 21.21 -10.95
CA THR A 430 -0.55 20.51 -9.91
C THR A 430 -0.33 19.03 -10.12
N PRO A 431 -0.89 18.19 -9.24
CA PRO A 431 -0.75 16.73 -9.40
C PRO A 431 -1.37 16.31 -10.74
N THR A 432 -2.42 17.02 -11.13
CA THR A 432 -3.12 16.74 -12.37
C THR A 432 -2.29 17.10 -13.60
N THR A 433 -1.69 18.30 -13.65
CA THR A 433 -0.87 18.62 -14.82
C THR A 433 0.30 17.61 -14.91
N CYS A 434 0.92 17.29 -13.78
CA CYS A 434 2.01 16.32 -13.78
C CYS A 434 1.51 14.98 -14.30
N ARG A 435 0.38 14.52 -13.75
CA ARG A 435 -0.17 13.26 -14.16
C ARG A 435 -0.44 13.24 -15.66
N ASN A 436 -1.13 14.25 -16.17
CA ASN A 436 -1.43 14.28 -17.60
C ASN A 436 -0.20 14.38 -18.49
N HIS A 437 0.73 15.29 -18.15
CA HIS A 437 1.93 15.40 -18.97
C HIS A 437 2.69 14.06 -18.97
N TYR A 438 2.75 13.44 -17.82
CA TYR A 438 3.42 12.14 -17.71
C TYR A 438 2.76 11.08 -18.63
N LEU A 439 1.44 10.98 -18.54
CA LEU A 439 0.69 10.04 -19.38
C LEU A 439 0.76 10.42 -20.85
N GLU A 440 0.69 11.71 -21.15
CA GLU A 440 0.76 12.12 -22.53
C GLU A 440 2.10 11.76 -23.16
N ARG A 441 3.18 11.88 -22.38
CA ARG A 441 4.51 11.55 -22.90
C ARG A 441 4.57 10.04 -23.15
N SER A 442 4.13 9.26 -22.17
CA SER A 442 4.09 7.79 -22.31
C SER A 442 3.31 7.40 -23.56
N SER A 443 2.14 8.02 -23.74
CA SER A 443 1.28 7.70 -24.87
C SER A 443 1.91 8.10 -26.17
N LYS A 444 2.59 9.25 -26.18
CA LYS A 444 3.26 9.70 -27.40
C LYS A 444 4.33 8.66 -27.79
N TRP A 445 5.11 8.20 -26.82
CA TRP A 445 6.15 7.21 -27.11
C TRP A 445 5.56 5.96 -27.74
N VAL A 446 4.48 5.46 -27.14
CA VAL A 446 3.80 4.26 -27.62
C VAL A 446 3.29 4.47 -29.04
N ILE A 447 2.42 5.46 -29.21
CA ILE A 447 1.87 5.76 -30.54
C ILE A 447 2.97 5.96 -31.58
N GLN A 448 4.06 6.59 -31.18
CA GLN A 448 5.18 6.85 -32.07
C GLN A 448 5.90 5.56 -32.51
N ASN A 449 5.72 4.48 -31.74
CA ASN A 449 6.34 3.20 -32.09
C ASN A 449 5.32 2.23 -32.69
N GLY A 450 4.26 2.77 -33.30
CA GLY A 450 3.27 1.93 -33.93
C GLY A 450 2.17 1.43 -33.03
N GLY A 451 2.33 1.61 -31.71
CA GLY A 451 1.31 1.17 -30.79
C GLY A 451 0.01 1.92 -31.03
N VAL A 452 -1.10 1.27 -30.71
CA VAL A 452 -2.41 1.88 -30.89
C VAL A 452 -3.15 1.92 -29.55
N ILE A 453 -3.46 3.13 -29.10
CA ILE A 453 -4.16 3.33 -27.84
C ILE A 453 -5.61 3.64 -28.18
N ASP A 454 -6.54 2.96 -27.51
CA ASP A 454 -7.95 3.16 -27.78
C ASP A 454 -8.48 4.50 -27.33
N ASN A 455 -8.86 5.30 -28.30
CA ASN A 455 -9.40 6.65 -28.11
C ASN A 455 -9.96 6.87 -26.73
N GLN A 456 -9.57 8.07 -26.26
CA GLN A 456 -9.76 8.55 -24.90
C GLN A 456 -8.79 7.91 -23.89
N GLY A 457 -7.96 6.98 -24.36
CA GLY A 457 -7.06 6.28 -23.46
C GLY A 457 -5.68 6.88 -23.44
N LEU A 458 -5.03 6.77 -22.29
CA LEU A 458 -3.66 7.23 -22.13
C LEU A 458 -3.01 6.08 -21.42
N VAL A 459 -1.77 5.78 -21.78
CA VAL A 459 -1.09 4.68 -21.11
C VAL A 459 0.07 5.21 -20.29
N GLU A 460 0.65 4.33 -19.47
CA GLU A 460 1.77 4.69 -18.65
C GLU A 460 2.90 3.78 -19.06
N VAL A 461 4.09 4.32 -19.29
CA VAL A 461 5.24 3.46 -19.62
C VAL A 461 6.10 3.36 -18.35
N ASP A 462 6.42 2.12 -17.99
CA ASP A 462 7.23 1.80 -16.81
C ASP A 462 8.69 2.08 -17.18
N SER A 463 9.44 2.74 -16.29
CA SER A 463 10.85 3.02 -16.61
C SER A 463 11.60 1.72 -16.90
N LYS A 464 11.20 0.65 -16.23
CA LYS A 464 11.82 -0.66 -16.42
C LYS A 464 11.75 -0.99 -17.93
N THR A 465 10.68 -0.56 -18.57
CA THR A 465 10.48 -0.81 -19.98
C THR A 465 11.22 0.22 -20.83
N SER A 466 11.08 1.49 -20.49
CA SER A 466 11.74 2.54 -21.25
C SER A 466 12.14 3.74 -20.40
N TYR A 467 13.40 4.12 -20.54
CA TYR A 467 13.95 5.25 -19.82
C TYR A 467 13.37 6.54 -20.40
N GLY A 468 13.50 6.70 -21.71
CA GLY A 468 13.01 7.90 -22.36
C GLY A 468 12.42 7.67 -23.74
N GLY A 469 11.79 6.51 -23.95
CA GLY A 469 11.18 6.24 -25.24
C GLY A 469 11.85 5.20 -26.12
N GLU A 470 13.04 4.75 -25.74
CA GLU A 470 13.77 3.75 -26.51
C GLU A 470 13.25 2.36 -26.15
N GLY A 471 13.63 1.37 -26.96
CA GLY A 471 13.25 -0.02 -26.74
C GLY A 471 11.76 -0.31 -26.76
N LEU A 472 10.97 0.55 -27.39
CA LEU A 472 9.54 0.33 -27.43
C LEU A 472 9.04 -0.22 -28.77
N GLU A 473 9.95 -0.48 -29.70
CA GLU A 473 9.53 -1.00 -31.00
C GLU A 473 8.56 -2.19 -30.90
N PHE A 474 8.76 -3.03 -29.89
CA PHE A 474 7.90 -4.20 -29.71
C PHE A 474 6.40 -3.91 -29.63
N VAL A 475 6.04 -2.64 -29.45
CA VAL A 475 4.62 -2.28 -29.35
C VAL A 475 3.95 -2.06 -30.70
N ASN A 476 4.73 -2.14 -31.78
CA ASN A 476 4.19 -1.91 -33.13
C ASN A 476 2.97 -2.79 -33.37
N GLY A 477 1.89 -2.17 -33.85
CA GLY A 477 0.67 -2.91 -34.11
C GLY A 477 -0.20 -3.25 -32.90
N LYS A 478 0.39 -3.38 -31.72
CA LYS A 478 -0.39 -3.72 -30.52
C LYS A 478 -1.38 -2.64 -30.11
N HIS A 479 -2.47 -3.09 -29.49
CA HIS A 479 -3.53 -2.21 -29.01
C HIS A 479 -3.48 -2.12 -27.48
N PHE A 480 -3.92 -1.00 -26.94
CA PHE A 480 -3.91 -0.78 -25.49
C PHE A 480 -5.16 -0.07 -25.02
N LYS A 481 -5.51 -0.26 -23.76
CA LYS A 481 -6.69 0.39 -23.21
C LYS A 481 -6.26 1.44 -22.19
N ASN A 482 -7.12 2.41 -21.96
CA ASN A 482 -6.85 3.48 -21.03
C ASN A 482 -6.35 2.92 -19.71
N GLY A 483 -5.23 3.43 -19.23
CA GLY A 483 -4.74 2.95 -17.95
C GLY A 483 -3.83 1.74 -17.95
N ASP A 484 -3.51 1.21 -19.13
CA ASP A 484 -2.61 0.07 -19.18
C ASP A 484 -1.23 0.58 -18.80
N ILE A 485 -0.43 -0.30 -18.19
CA ILE A 485 0.94 0.04 -17.83
C ILE A 485 1.82 -0.81 -18.75
N ILE A 486 2.73 -0.16 -19.45
CA ILE A 486 3.60 -0.82 -20.39
C ILE A 486 5.08 -0.86 -19.99
N VAL B 3 -30.14 7.11 -0.70
CA VAL B 3 -31.21 8.03 -0.22
C VAL B 3 -30.69 9.34 0.37
N LYS B 4 -29.54 9.30 1.06
CA LYS B 4 -29.02 10.51 1.70
C LYS B 4 -28.09 11.39 0.85
N SER B 5 -28.26 12.70 0.99
CA SER B 5 -27.44 13.66 0.27
C SER B 5 -26.06 13.74 0.91
N GLN B 6 -25.18 14.54 0.31
CA GLN B 6 -23.83 14.71 0.83
C GLN B 6 -23.82 15.26 2.26
N GLN B 7 -24.59 16.32 2.49
CA GLN B 7 -24.61 16.93 3.82
C GLN B 7 -25.30 16.04 4.85
N GLN B 8 -26.32 15.30 4.45
CA GLN B 8 -27.02 14.42 5.38
C GLN B 8 -26.12 13.28 5.85
N ILE B 9 -25.24 12.82 4.98
CA ILE B 9 -24.33 11.77 5.36
C ILE B 9 -23.32 12.33 6.35
N ILE B 10 -22.78 13.50 6.02
CA ILE B 10 -21.80 14.14 6.88
C ILE B 10 -22.37 14.41 8.26
N ASP B 11 -23.54 15.03 8.30
CA ASP B 11 -24.18 15.34 9.57
C ASP B 11 -24.44 14.11 10.42
N SER B 12 -24.87 13.02 9.80
CA SER B 12 -25.16 11.82 10.56
C SER B 12 -23.90 11.23 11.21
N PHE B 13 -22.76 11.31 10.54
CA PHE B 13 -21.53 10.78 11.11
C PHE B 13 -21.01 11.74 12.19
N LYS B 14 -21.20 13.03 11.99
CA LYS B 14 -20.75 14.00 13.00
C LYS B 14 -21.59 13.89 14.27
N GLN B 15 -22.89 13.64 14.11
CA GLN B 15 -23.79 13.48 15.26
C GLN B 15 -23.43 12.22 16.03
N ALA B 16 -22.79 11.27 15.35
CA ALA B 16 -22.35 10.03 15.98
C ALA B 16 -20.89 10.20 16.46
N ASN B 17 -20.45 11.45 16.53
CA ASN B 17 -19.12 11.79 17.01
C ASN B 17 -17.97 11.25 16.15
N GLN B 18 -18.17 11.18 14.85
CA GLN B 18 -17.14 10.69 13.95
C GLN B 18 -16.49 11.83 13.15
N ASP B 19 -16.44 13.00 13.78
CA ASP B 19 -15.86 14.21 13.19
C ASP B 19 -14.48 14.02 12.60
N GLN B 20 -13.68 13.12 13.17
CA GLN B 20 -12.32 12.91 12.68
C GLN B 20 -12.32 12.32 11.26
N LEU B 21 -13.40 11.69 10.85
CA LEU B 21 -13.47 11.12 9.51
C LEU B 21 -13.43 12.25 8.47
N PHE B 22 -13.77 13.46 8.88
CA PHE B 22 -13.77 14.59 7.95
C PHE B 22 -12.63 15.56 8.10
N GLN B 23 -11.62 15.17 8.86
CA GLN B 23 -10.48 16.04 9.10
C GLN B 23 -9.80 16.58 7.83
N TYR B 24 -9.80 15.81 6.74
CA TYR B 24 -9.16 16.26 5.51
C TYR B 24 -10.11 16.45 4.35
N TYR B 25 -11.40 16.32 4.63
CA TYR B 25 -12.45 16.43 3.61
C TYR B 25 -12.32 17.68 2.76
N ASP B 26 -12.09 18.81 3.40
CA ASP B 26 -11.99 20.08 2.68
C ASP B 26 -10.80 20.18 1.75
N SER B 27 -9.79 19.34 1.95
CA SER B 27 -8.62 19.38 1.09
C SER B 27 -8.74 18.44 -0.09
N LEU B 28 -9.81 17.67 -0.14
CA LEU B 28 -10.04 16.69 -1.21
C LEU B 28 -10.58 17.28 -2.52
N THR B 29 -10.38 16.59 -3.64
CA THR B 29 -10.98 17.06 -4.90
C THR B 29 -12.47 16.67 -4.78
N ILE B 30 -13.37 17.26 -5.55
CA ILE B 30 -14.80 16.91 -5.46
C ILE B 30 -15.03 15.41 -5.70
N ASP B 31 -14.29 14.86 -6.65
CA ASP B 31 -14.42 13.45 -6.95
C ASP B 31 -14.05 12.60 -5.74
N GLN B 32 -12.96 12.95 -5.04
CA GLN B 32 -12.59 12.15 -3.86
C GLN B 32 -13.65 12.27 -2.76
N GLN B 33 -14.25 13.45 -2.60
CA GLN B 33 -15.29 13.63 -1.58
C GLN B 33 -16.49 12.75 -1.93
N GLN B 34 -16.89 12.78 -3.20
CA GLN B 34 -18.04 11.99 -3.64
C GLN B 34 -17.84 10.50 -3.43
N GLU B 35 -16.63 10.03 -3.69
CA GLU B 35 -16.32 8.62 -3.48
C GLU B 35 -16.39 8.32 -1.99
N PHE B 36 -15.88 9.24 -1.16
CA PHE B 36 -15.90 9.08 0.28
C PHE B 36 -17.33 8.99 0.79
N ILE B 37 -18.18 9.87 0.28
CA ILE B 37 -19.59 9.88 0.65
C ILE B 37 -20.28 8.58 0.22
N ASP B 38 -20.00 8.08 -0.98
CA ASP B 38 -20.63 6.84 -1.41
C ASP B 38 -20.23 5.70 -0.48
N GLN B 39 -18.97 5.70 -0.05
CA GLN B 39 -18.53 4.65 0.84
C GLN B 39 -19.22 4.74 2.20
N LEU B 40 -19.32 5.96 2.72
CA LEU B 40 -19.96 6.17 4.02
C LEU B 40 -21.43 5.80 3.96
N SER B 41 -22.04 6.00 2.79
CA SER B 41 -23.45 5.69 2.59
C SER B 41 -23.74 4.20 2.69
N THR B 42 -22.73 3.36 2.53
CA THR B 42 -22.93 1.90 2.60
C THR B 42 -23.00 1.42 4.04
N ILE B 43 -22.79 2.30 5.00
CA ILE B 43 -22.86 1.85 6.38
C ILE B 43 -24.27 2.03 6.89
N GLU B 44 -24.95 0.89 7.13
CA GLU B 44 -26.32 0.89 7.62
C GLU B 44 -26.39 1.48 9.04
N GLU B 45 -27.20 2.53 9.17
CA GLU B 45 -27.41 3.23 10.43
C GLU B 45 -26.14 3.30 11.28
N PRO B 46 -25.21 4.20 10.91
CA PRO B 46 -23.94 4.36 11.63
C PRO B 46 -24.07 4.59 13.14
N ALA B 47 -24.95 5.52 13.52
CA ALA B 47 -25.15 5.82 14.92
C ALA B 47 -25.34 4.54 15.73
N LYS B 48 -26.24 3.67 15.28
CA LYS B 48 -26.52 2.41 15.96
C LYS B 48 -25.33 1.46 15.99
N LEU B 49 -24.50 1.50 14.95
CA LEU B 49 -23.34 0.61 14.91
C LEU B 49 -22.24 1.02 15.91
N ILE B 50 -22.06 2.32 16.07
CA ILE B 50 -21.05 2.83 16.97
C ILE B 50 -21.42 2.58 18.43
N SER B 51 -22.72 2.63 18.69
CA SER B 51 -23.22 2.38 20.03
C SER B 51 -23.14 0.88 20.29
N THR B 52 -23.53 0.09 19.29
CA THR B 52 -23.47 -1.38 19.37
C THR B 52 -22.05 -1.83 19.62
N VAL B 53 -21.07 -1.10 19.08
CA VAL B 53 -19.67 -1.47 19.28
C VAL B 53 -19.34 -1.33 20.77
N GLU B 54 -19.77 -0.22 21.37
CA GLU B 54 -19.55 0.04 22.79
C GLU B 54 -20.11 -1.07 23.68
N GLN B 55 -21.17 -1.74 23.20
CA GLN B 55 -21.79 -2.82 23.94
C GLN B 55 -20.92 -4.05 23.83
N ALA B 56 -20.27 -4.19 22.69
CA ALA B 56 -19.40 -5.32 22.45
C ALA B 56 -18.19 -5.28 23.37
N ILE B 57 -17.76 -4.08 23.72
CA ILE B 57 -16.59 -3.95 24.59
C ILE B 57 -16.90 -4.15 26.07
N GLN B 58 -18.13 -3.81 26.47
CA GLN B 58 -18.55 -3.95 27.86
C GLN B 58 -19.14 -5.33 28.12
N ARG B 67 -19.86 -17.96 33.51
CA ARG B 67 -20.02 -18.84 32.36
C ARG B 67 -19.91 -20.31 32.77
N ASN B 68 -21.05 -21.01 32.78
CA ASN B 68 -21.11 -22.42 33.17
C ASN B 68 -21.40 -23.37 32.00
N PHE B 69 -20.43 -24.22 31.68
CA PHE B 69 -20.57 -25.17 30.59
C PHE B 69 -20.39 -26.62 31.02
N THR B 70 -21.06 -27.50 30.31
CA THR B 70 -20.96 -28.94 30.56
C THR B 70 -20.98 -29.60 29.18
N GLN B 71 -21.06 -30.93 29.13
CA GLN B 71 -21.05 -31.62 27.84
C GLN B 71 -22.46 -31.83 27.32
N LEU B 72 -22.59 -31.79 26.00
CA LEU B 72 -23.88 -32.00 25.37
C LEU B 72 -24.50 -33.32 25.83
N PRO B 73 -25.82 -33.37 25.97
CA PRO B 73 -26.45 -34.62 26.39
C PRO B 73 -26.30 -35.65 25.25
N ASN B 74 -26.08 -36.92 25.63
CA ASN B 74 -25.89 -37.99 24.65
C ASN B 74 -26.96 -38.09 23.57
N GLU B 75 -28.18 -37.67 23.87
CA GLU B 75 -29.27 -37.74 22.91
C GLU B 75 -29.01 -36.88 21.67
N GLN B 76 -28.10 -35.92 21.79
CA GLN B 76 -27.78 -35.02 20.70
C GLN B 76 -26.45 -35.33 20.00
N THR B 77 -25.69 -36.27 20.54
CA THR B 77 -24.41 -36.64 19.95
C THR B 77 -24.41 -38.00 19.26
N ALA B 78 -23.47 -38.18 18.34
CA ALA B 78 -23.29 -39.43 17.61
C ALA B 78 -21.85 -39.38 17.13
N SER B 79 -21.29 -40.51 16.75
CA SER B 79 -19.91 -40.56 16.33
C SER B 79 -19.68 -41.59 15.26
N THR B 80 -19.06 -41.17 14.16
CA THR B 80 -18.78 -42.08 13.05
C THR B 80 -17.74 -43.12 13.46
N LEU B 81 -17.03 -42.86 14.56
CA LEU B 81 -16.01 -43.78 15.03
C LEU B 81 -16.62 -44.90 15.86
N ASP B 82 -17.90 -44.75 16.21
CA ASP B 82 -18.60 -45.75 16.99
C ASP B 82 -19.76 -46.43 16.29
N LEU B 83 -20.47 -45.70 15.42
CA LEU B 83 -21.63 -46.25 14.73
C LEU B 83 -21.31 -47.46 13.85
N SER B 84 -22.23 -48.41 13.82
CA SER B 84 -22.07 -49.62 13.01
C SER B 84 -22.09 -49.27 11.54
N LYS B 85 -21.51 -50.14 10.73
CA LYS B 85 -21.48 -49.96 9.29
C LYS B 85 -22.89 -49.89 8.68
N ASP B 86 -23.85 -50.62 9.23
CA ASP B 86 -25.20 -50.58 8.68
C ASP B 86 -25.84 -49.21 8.90
N ILE B 87 -25.66 -48.66 10.09
CA ILE B 87 -26.22 -47.36 10.40
C ILE B 87 -25.57 -46.25 9.55
N LEU B 88 -24.26 -46.31 9.34
CA LEU B 88 -23.59 -45.29 8.51
C LEU B 88 -24.02 -45.46 7.06
N GLN B 89 -24.19 -46.70 6.62
CA GLN B 89 -24.64 -46.92 5.27
C GLN B 89 -26.05 -46.36 5.12
N ASN B 90 -26.90 -46.56 6.12
CA ASN B 90 -28.25 -46.03 6.02
C ASN B 90 -28.27 -44.50 5.92
N TRP B 91 -27.40 -43.82 6.65
CA TRP B 91 -27.39 -42.36 6.56
C TRP B 91 -26.85 -41.92 5.21
N THR B 92 -25.87 -42.67 4.72
CA THR B 92 -25.28 -42.39 3.42
C THR B 92 -26.34 -42.46 2.34
N GLU B 93 -27.22 -43.46 2.42
CA GLU B 93 -28.29 -43.60 1.43
C GLU B 93 -29.31 -42.50 1.61
N LEU B 94 -29.67 -42.18 2.85
CA LEU B 94 -30.62 -41.08 3.03
C LEU B 94 -30.04 -39.81 2.42
N GLY B 95 -28.75 -39.58 2.66
CA GLY B 95 -28.08 -38.40 2.12
C GLY B 95 -27.97 -38.38 0.59
N LEU B 96 -27.67 -39.52 -0.02
CA LEU B 96 -27.53 -39.60 -1.48
C LEU B 96 -28.87 -39.42 -2.18
N LYS B 97 -29.96 -39.82 -1.51
CA LYS B 97 -31.30 -39.67 -2.06
C LYS B 97 -31.66 -38.18 -2.09
N ALA B 98 -31.37 -37.50 -1.00
CA ALA B 98 -31.65 -36.07 -0.89
C ALA B 98 -30.88 -35.35 -1.99
N ILE B 99 -29.61 -35.70 -2.14
CA ILE B 99 -28.79 -35.10 -3.19
C ILE B 99 -29.43 -35.45 -4.54
N GLY B 100 -29.74 -36.72 -4.72
CA GLY B 100 -30.35 -37.16 -5.97
C GLY B 100 -31.67 -36.49 -6.27
N ASN B 101 -32.40 -36.13 -5.23
CA ASN B 101 -33.69 -35.50 -5.39
C ASN B 101 -33.58 -33.98 -5.45
N GLY B 102 -32.34 -33.49 -5.63
CA GLY B 102 -32.12 -32.06 -5.72
C GLY B 102 -32.49 -31.26 -4.48
N GLU B 103 -32.39 -31.87 -3.31
CA GLU B 103 -32.74 -31.19 -2.07
C GLU B 103 -31.55 -30.65 -1.28
N VAL B 104 -30.35 -30.81 -1.81
CA VAL B 104 -29.13 -30.39 -1.12
C VAL B 104 -28.32 -29.29 -1.80
N ALA B 105 -27.90 -28.30 -1.01
CA ALA B 105 -27.07 -27.22 -1.52
C ALA B 105 -25.86 -27.06 -0.59
N VAL B 106 -24.79 -26.51 -1.14
CA VAL B 106 -23.59 -26.29 -0.37
C VAL B 106 -23.29 -24.80 -0.23
N LEU B 107 -22.96 -24.39 0.99
CA LEU B 107 -22.61 -22.99 1.29
C LEU B 107 -21.13 -22.93 1.67
N LEU B 108 -20.32 -22.28 0.83
CA LEU B 108 -18.91 -22.17 1.11
C LEU B 108 -18.50 -20.77 1.60
N MET B 109 -17.77 -20.75 2.71
CA MET B 109 -17.29 -19.49 3.26
C MET B 109 -15.88 -19.39 2.72
N ALA B 110 -15.68 -18.54 1.71
CA ALA B 110 -14.37 -18.38 1.09
C ALA B 110 -13.91 -16.93 1.11
N ALA B 121 -4.02 -13.20 -2.79
CA ALA B 121 -4.74 -14.22 -3.55
C ALA B 121 -5.74 -14.98 -2.65
N PRO B 122 -6.91 -15.34 -3.22
CA PRO B 122 -7.96 -16.07 -2.49
C PRO B 122 -7.43 -17.38 -1.90
N LYS B 123 -7.73 -17.62 -0.63
CA LYS B 123 -7.26 -18.85 0.02
C LYS B 123 -7.63 -20.09 -0.78
N GLY B 124 -8.83 -20.10 -1.36
CA GLY B 124 -9.28 -21.23 -2.17
C GLY B 124 -8.37 -21.57 -3.36
N CYS B 125 -7.64 -20.59 -3.89
CA CYS B 125 -6.73 -20.83 -5.02
C CYS B 125 -5.41 -21.42 -4.53
N PHE B 126 -5.24 -21.52 -3.21
CA PHE B 126 -3.97 -22.02 -2.70
C PHE B 126 -3.63 -23.45 -3.08
N ASN B 127 -2.37 -23.64 -3.46
CA ASN B 127 -1.83 -24.93 -3.88
C ASN B 127 -0.93 -25.57 -2.80
N ILE B 128 -1.43 -26.59 -2.11
CA ILE B 128 -0.65 -27.25 -1.07
C ILE B 128 0.36 -28.24 -1.68
N GLU B 129 0.46 -28.20 -3.00
CA GLU B 129 1.39 -29.02 -3.77
C GLU B 129 1.29 -30.51 -3.60
N LEU B 130 0.13 -31.03 -3.92
CA LEU B 130 -0.18 -32.41 -3.95
C LEU B 130 0.42 -32.87 -5.22
N PRO B 131 0.61 -34.11 -5.49
CA PRO B 131 1.17 -34.47 -6.80
C PRO B 131 0.37 -33.86 -7.96
N SER B 132 -0.91 -33.59 -7.75
CA SER B 132 -1.74 -33.02 -8.82
C SER B 132 -1.66 -31.50 -8.86
N GLN B 133 -1.09 -30.89 -7.84
CA GLN B 133 -0.98 -29.43 -7.82
C GLN B 133 -2.36 -28.76 -7.84
N LYS B 134 -3.40 -29.45 -7.38
CA LYS B 134 -4.75 -28.87 -7.38
C LYS B 134 -5.02 -27.94 -6.18
N SER B 135 -5.66 -26.81 -6.47
CA SER B 135 -6.01 -25.86 -5.42
C SER B 135 -7.16 -26.41 -4.59
N LEU B 136 -7.38 -25.77 -3.45
CA LEU B 136 -8.46 -26.14 -2.54
C LEU B 136 -9.78 -26.06 -3.30
N PHE B 137 -9.99 -24.99 -4.06
CA PHE B 137 -11.22 -24.81 -4.82
C PHE B 137 -11.46 -26.00 -5.76
N GLN B 138 -10.42 -26.42 -6.47
CA GLN B 138 -10.62 -27.52 -7.41
C GLN B 138 -10.93 -28.84 -6.69
N ILE B 139 -10.20 -29.13 -5.64
CA ILE B 139 -10.42 -30.34 -4.84
C ILE B 139 -11.88 -30.36 -4.37
N GLN B 140 -12.39 -29.22 -3.93
CA GLN B 140 -13.76 -29.14 -3.46
C GLN B 140 -14.74 -29.31 -4.63
N ALA B 141 -14.39 -28.76 -5.78
CA ALA B 141 -15.22 -28.88 -6.98
C ALA B 141 -15.35 -30.33 -7.42
N GLU B 142 -14.24 -31.06 -7.39
CA GLU B 142 -14.22 -32.47 -7.82
C GLU B 142 -14.94 -33.35 -6.81
N LYS B 143 -14.86 -32.98 -5.54
CA LYS B 143 -15.56 -33.72 -4.50
C LYS B 143 -17.07 -33.56 -4.80
N ILE B 144 -17.49 -32.37 -5.20
CA ILE B 144 -18.90 -32.18 -5.51
C ILE B 144 -19.30 -32.99 -6.75
N LEU B 145 -18.43 -33.01 -7.76
CA LEU B 145 -18.72 -33.75 -8.98
C LEU B 145 -18.91 -35.23 -8.67
N LYS B 146 -17.99 -35.77 -7.87
CA LYS B 146 -18.03 -37.17 -7.48
C LYS B 146 -19.29 -37.59 -6.72
N ILE B 147 -19.67 -36.85 -5.69
CA ILE B 147 -20.85 -37.21 -4.90
C ILE B 147 -22.13 -37.10 -5.75
N GLU B 148 -22.10 -36.26 -6.77
CA GLU B 148 -23.25 -36.11 -7.67
C GLU B 148 -23.37 -37.43 -8.46
N GLN B 149 -22.23 -37.98 -8.88
CA GLN B 149 -22.25 -39.23 -9.64
C GLN B 149 -22.59 -40.39 -8.69
N LEU B 150 -22.10 -40.35 -7.45
CA LEU B 150 -22.43 -41.42 -6.53
C LEU B 150 -23.93 -41.39 -6.26
N ALA B 151 -24.51 -40.21 -6.08
CA ALA B 151 -25.96 -40.12 -5.83
C ALA B 151 -26.71 -40.63 -7.07
N GLN B 152 -26.22 -40.29 -8.26
CA GLN B 152 -26.84 -40.74 -9.49
C GLN B 152 -26.81 -42.27 -9.63
N GLN B 153 -25.70 -42.90 -9.28
CA GLN B 153 -25.60 -44.36 -9.38
C GLN B 153 -26.57 -45.02 -8.40
N TYR B 154 -26.61 -44.49 -7.19
CA TYR B 154 -27.49 -45.01 -6.15
C TYR B 154 -28.94 -44.98 -6.57
N LEU B 155 -29.40 -43.84 -7.11
CA LEU B 155 -30.79 -43.70 -7.54
C LEU B 155 -31.07 -44.19 -8.97
N LYS B 156 -30.03 -44.55 -9.70
CA LYS B 156 -30.17 -45.00 -11.09
C LYS B 156 -30.85 -43.91 -11.92
N SER B 157 -30.45 -42.66 -11.70
CA SER B 157 -31.02 -41.54 -12.43
C SER B 157 -30.35 -41.45 -13.78
N THR B 158 -31.03 -40.85 -14.75
CA THR B 158 -30.46 -40.73 -16.10
C THR B 158 -29.44 -39.60 -16.21
N LYS B 159 -29.69 -38.48 -15.52
CA LYS B 159 -28.77 -37.35 -15.52
C LYS B 159 -28.28 -37.20 -14.06
N LYS B 160 -27.02 -36.82 -13.87
CA LYS B 160 -26.56 -36.66 -12.49
C LYS B 160 -27.24 -35.46 -11.85
N PRO B 161 -27.55 -35.56 -10.55
CA PRO B 161 -28.22 -34.41 -9.92
C PRO B 161 -27.24 -33.24 -9.85
N ILE B 162 -27.80 -32.05 -9.65
CA ILE B 162 -26.97 -30.85 -9.56
C ILE B 162 -27.02 -30.30 -8.15
N ILE B 163 -25.83 -29.99 -7.62
CA ILE B 163 -25.70 -29.45 -6.28
C ILE B 163 -25.24 -28.01 -6.41
N ASN B 164 -26.14 -27.07 -6.12
CA ASN B 164 -25.80 -25.68 -6.21
C ASN B 164 -24.75 -25.37 -5.17
N TRP B 165 -23.71 -24.67 -5.59
CA TRP B 165 -22.60 -24.33 -4.74
C TRP B 165 -22.52 -22.81 -4.58
N TYR B 166 -23.04 -22.31 -3.48
CA TYR B 166 -23.01 -20.88 -3.24
C TYR B 166 -21.71 -20.53 -2.51
N ILE B 167 -20.86 -19.75 -3.17
CA ILE B 167 -19.56 -19.38 -2.62
C ILE B 167 -19.56 -17.93 -2.20
N MET B 168 -19.50 -17.70 -0.89
CA MET B 168 -19.49 -16.35 -0.34
C MET B 168 -18.06 -15.89 -0.33
N THR B 169 -17.77 -14.91 -1.18
CA THR B 169 -16.43 -14.37 -1.28
C THR B 169 -16.38 -12.97 -0.65
N SER B 170 -15.18 -12.50 -0.35
CA SER B 170 -15.06 -11.16 0.24
C SER B 170 -15.14 -10.16 -0.89
N GLY B 171 -15.49 -8.93 -0.56
CA GLY B 171 -15.58 -7.92 -1.60
C GLY B 171 -14.31 -7.89 -2.45
N PRO B 172 -13.13 -7.78 -1.82
CA PRO B 172 -11.88 -7.72 -2.58
C PRO B 172 -11.50 -8.99 -3.32
N THR B 173 -11.85 -10.16 -2.78
CA THR B 173 -11.52 -11.44 -3.42
C THR B 173 -12.50 -11.92 -4.50
N ARG B 174 -13.66 -11.28 -4.58
CA ARG B 174 -14.69 -11.65 -5.55
C ARG B 174 -14.25 -11.73 -7.01
N ASN B 175 -13.41 -10.80 -7.45
CA ASN B 175 -12.98 -10.80 -8.83
C ASN B 175 -11.96 -11.87 -9.17
N ALA B 176 -10.95 -12.03 -8.32
CA ALA B 176 -9.93 -13.05 -8.57
C ALA B 176 -10.58 -14.46 -8.53
N THR B 177 -11.54 -14.65 -7.62
CA THR B 177 -12.19 -15.94 -7.46
C THR B 177 -13.03 -16.35 -8.67
N GLU B 178 -13.92 -15.47 -9.13
CA GLU B 178 -14.76 -15.82 -10.27
C GLU B 178 -13.89 -16.09 -11.49
N SER B 179 -12.93 -15.21 -11.73
CA SER B 179 -12.02 -15.36 -12.85
C SER B 179 -11.33 -16.73 -12.81
N PHE B 180 -10.79 -17.09 -11.65
CA PHE B 180 -10.12 -18.37 -11.48
C PHE B 180 -11.05 -19.52 -11.85
N PHE B 181 -12.31 -19.46 -11.41
CA PHE B 181 -13.22 -20.52 -11.76
C PHE B 181 -13.45 -20.54 -13.25
N ILE B 182 -13.58 -19.35 -13.81
CA ILE B 182 -13.83 -19.23 -15.24
C ILE B 182 -12.67 -19.71 -16.11
N GLU B 183 -11.44 -19.34 -15.79
CA GLU B 183 -10.34 -19.82 -16.61
C GLU B 183 -10.17 -21.33 -16.48
N ASN B 184 -10.72 -21.93 -15.43
CA ASN B 184 -10.60 -23.38 -15.27
C ASN B 184 -11.91 -24.09 -15.61
N ASN B 185 -12.77 -23.37 -16.32
CA ASN B 185 -14.06 -23.91 -16.73
C ASN B 185 -14.84 -24.56 -15.58
N TYR B 186 -14.78 -23.93 -14.41
CA TYR B 186 -15.49 -24.40 -13.23
C TYR B 186 -15.12 -25.82 -12.81
N PHE B 187 -13.93 -26.25 -13.22
CA PHE B 187 -13.44 -27.58 -12.87
C PHE B 187 -14.37 -28.72 -13.20
N GLY B 188 -15.15 -28.58 -14.26
CA GLY B 188 -16.04 -29.67 -14.63
C GLY B 188 -17.48 -29.47 -14.22
N LEU B 189 -17.73 -28.53 -13.33
CA LEU B 189 -19.11 -28.27 -12.90
C LEU B 189 -19.83 -27.46 -13.97
N ASN B 190 -21.16 -27.43 -13.88
CA ASN B 190 -21.95 -26.61 -14.80
C ASN B 190 -21.73 -25.18 -14.28
N SER B 191 -21.61 -24.22 -15.19
CA SER B 191 -21.36 -22.85 -14.79
C SER B 191 -22.48 -22.23 -13.96
N HIS B 192 -23.70 -22.70 -14.11
CA HIS B 192 -24.83 -22.17 -13.34
C HIS B 192 -24.93 -22.68 -11.90
N GLN B 193 -24.20 -23.74 -11.56
CA GLN B 193 -24.31 -24.27 -10.20
C GLN B 193 -23.29 -23.64 -9.27
N VAL B 194 -22.41 -22.81 -9.81
CA VAL B 194 -21.43 -22.12 -8.99
C VAL B 194 -21.97 -20.69 -8.91
N ILE B 195 -22.41 -20.30 -7.72
CA ILE B 195 -23.03 -19.00 -7.51
C ILE B 195 -22.31 -18.16 -6.48
N PHE B 196 -21.72 -17.05 -6.94
CA PHE B 196 -20.98 -16.14 -6.08
C PHE B 196 -21.81 -14.99 -5.51
N PHE B 197 -21.49 -14.64 -4.25
CA PHE B 197 -22.11 -13.54 -3.55
C PHE B 197 -21.09 -13.06 -2.52
N ASN B 198 -21.05 -11.74 -2.36
CA ASN B 198 -20.11 -11.09 -1.48
C ASN B 198 -20.52 -10.97 -0.01
N GLN B 199 -19.51 -11.11 0.84
CA GLN B 199 -19.68 -10.99 2.29
C GLN B 199 -19.69 -9.50 2.63
N GLY B 200 -20.41 -9.13 3.68
CA GLY B 200 -20.44 -7.73 4.08
C GLY B 200 -19.18 -7.33 4.83
N THR B 201 -19.11 -6.06 5.21
CA THR B 201 -17.96 -5.57 5.95
C THR B 201 -18.44 -4.70 7.09
N LEU B 202 -17.50 -4.38 7.97
CA LEU B 202 -17.76 -3.52 9.11
C LEU B 202 -16.58 -2.60 9.20
N PRO B 203 -16.80 -1.36 9.65
CA PRO B 203 -15.69 -0.41 9.77
C PRO B 203 -14.70 -0.85 10.83
N CYS B 204 -13.44 -0.46 10.66
CA CYS B 204 -12.44 -0.77 11.67
C CYS B 204 -12.44 0.42 12.65
N PHE B 205 -12.18 0.14 13.92
CA PHE B 205 -12.18 1.18 14.97
C PHE B 205 -10.83 1.29 15.65
N ASN B 206 -10.67 2.35 16.44
CA ASN B 206 -9.44 2.59 17.20
C ASN B 206 -9.45 1.61 18.38
N LEU B 207 -8.32 1.45 19.06
CA LEU B 207 -8.27 0.49 20.17
C LEU B 207 -9.38 0.68 21.21
N GLN B 208 -9.78 1.92 21.44
CA GLN B 208 -10.80 2.18 22.44
C GLN B 208 -12.22 1.85 21.93
N GLY B 209 -12.33 1.60 20.64
CA GLY B 209 -13.62 1.24 20.08
C GLY B 209 -14.69 2.31 19.93
N ASN B 210 -14.32 3.58 19.87
CA ASN B 210 -15.33 4.63 19.70
C ASN B 210 -15.14 5.49 18.44
N LYS B 211 -13.98 5.36 17.80
CA LYS B 211 -13.70 6.13 16.59
C LYS B 211 -13.42 5.24 15.37
N ILE B 212 -14.15 5.46 14.28
CA ILE B 212 -13.89 4.70 13.06
C ILE B 212 -12.53 5.21 12.51
N LEU B 213 -11.72 4.30 11.98
CA LEU B 213 -10.40 4.66 11.45
C LEU B 213 -10.42 5.02 9.97
N LEU B 214 -9.53 5.94 9.60
CA LEU B 214 -9.41 6.34 8.22
C LEU B 214 -8.29 5.54 7.57
N GLU B 215 -8.58 4.92 6.45
CA GLU B 215 -7.56 4.16 5.73
C GLU B 215 -6.75 5.20 4.92
N LEU B 216 -7.46 6.00 4.13
CA LEU B 216 -6.88 7.08 3.35
C LEU B 216 -7.60 8.37 3.77
N LYS B 217 -7.17 9.51 3.23
CA LYS B 217 -7.82 10.77 3.57
C LYS B 217 -9.27 10.82 3.16
N ASN B 218 -9.65 10.03 2.15
CA ASN B 218 -11.05 9.99 1.71
C ASN B 218 -11.61 8.59 1.80
N SER B 219 -11.13 7.79 2.76
CA SER B 219 -11.61 6.42 2.90
C SER B 219 -11.42 5.84 4.29
N ILE B 220 -12.43 5.11 4.79
CA ILE B 220 -12.33 4.49 6.11
C ILE B 220 -11.90 3.04 5.97
N CYS B 221 -11.24 2.50 7.00
CA CYS B 221 -10.82 1.09 7.01
C CYS B 221 -12.06 0.24 7.21
N GLN B 222 -12.17 -0.83 6.43
CA GLN B 222 -13.29 -1.76 6.52
C GLN B 222 -12.75 -3.19 6.42
N SER B 223 -13.46 -4.15 7.02
CA SER B 223 -13.01 -5.52 6.93
C SER B 223 -14.22 -6.46 6.89
N PRO B 224 -14.05 -7.65 6.30
CA PRO B 224 -15.15 -8.63 6.19
C PRO B 224 -15.78 -8.76 7.58
N ASP B 225 -17.11 -8.85 7.65
CA ASP B 225 -17.77 -8.92 8.95
C ASP B 225 -17.84 -10.25 9.70
N GLY B 226 -16.90 -11.17 9.39
CA GLY B 226 -16.88 -12.48 10.03
C GLY B 226 -17.82 -13.46 9.37
N ASN B 227 -17.62 -14.76 9.58
CA ASN B 227 -18.50 -15.74 8.95
C ASN B 227 -19.93 -15.68 9.45
N GLY B 228 -20.15 -14.95 10.54
CA GLY B 228 -21.49 -14.82 11.07
C GLY B 228 -22.29 -13.91 10.16
N GLY B 229 -21.58 -13.11 9.37
CA GLY B 229 -22.28 -12.20 8.47
C GLY B 229 -22.94 -12.96 7.33
N LEU B 230 -22.69 -14.26 7.30
CA LEU B 230 -23.24 -15.08 6.25
C LEU B 230 -24.75 -15.00 6.14
N TYR B 231 -25.44 -14.85 7.26
CA TYR B 231 -26.90 -14.80 7.25
C TYR B 231 -27.43 -13.56 6.55
N LYS B 232 -26.89 -12.39 6.88
CA LYS B 232 -27.34 -11.17 6.23
C LYS B 232 -27.01 -11.23 4.72
N ALA B 233 -25.81 -11.71 4.41
CA ALA B 233 -25.39 -11.84 3.02
C ALA B 233 -26.33 -12.77 2.24
N LEU B 234 -26.74 -13.86 2.86
CA LEU B 234 -27.65 -14.79 2.20
C LEU B 234 -28.95 -14.10 1.79
N LYS B 235 -29.52 -13.38 2.73
CA LYS B 235 -30.79 -12.69 2.54
C LYS B 235 -30.70 -11.48 1.59
N ASP B 236 -29.64 -10.69 1.68
CA ASP B 236 -29.49 -9.51 0.83
C ASP B 236 -29.10 -9.82 -0.61
N ASN B 237 -28.41 -10.93 -0.83
CA ASN B 237 -27.99 -11.27 -2.18
C ASN B 237 -28.96 -12.21 -2.84
N GLY B 238 -30.14 -12.34 -2.23
CA GLY B 238 -31.16 -13.22 -2.79
C GLY B 238 -30.84 -14.69 -2.75
N ILE B 239 -29.85 -15.10 -1.95
CA ILE B 239 -29.51 -16.52 -1.89
C ILE B 239 -30.63 -17.31 -1.22
N LEU B 240 -31.11 -16.84 -0.07
CA LEU B 240 -32.18 -17.56 0.60
C LEU B 240 -33.39 -17.71 -0.34
N ASP B 241 -33.64 -16.67 -1.14
CA ASP B 241 -34.74 -16.70 -2.10
C ASP B 241 -34.50 -17.81 -3.15
N ASP B 242 -33.26 -17.93 -3.61
CA ASP B 242 -32.91 -18.95 -4.61
C ASP B 242 -33.14 -20.36 -4.06
N LEU B 243 -32.75 -20.59 -2.81
CA LEU B 243 -32.92 -21.91 -2.18
C LEU B 243 -34.38 -22.36 -2.20
N ASN B 244 -35.27 -21.47 -1.82
CA ASN B 244 -36.69 -21.80 -1.77
C ASN B 244 -37.25 -21.99 -3.19
N SER B 245 -36.80 -21.13 -4.10
CA SER B 245 -37.24 -21.23 -5.48
C SER B 245 -36.83 -22.58 -6.08
N LYS B 246 -35.63 -23.06 -5.75
CA LYS B 246 -35.16 -24.33 -6.31
C LYS B 246 -35.62 -25.56 -5.51
N GLY B 247 -36.29 -25.33 -4.39
CA GLY B 247 -36.76 -26.45 -3.59
C GLY B 247 -35.66 -27.15 -2.79
N ILE B 248 -34.64 -26.40 -2.39
CA ILE B 248 -33.56 -26.98 -1.58
C ILE B 248 -34.06 -27.14 -0.16
N LYS B 249 -33.88 -28.33 0.42
CA LYS B 249 -34.35 -28.58 1.79
C LYS B 249 -33.18 -28.62 2.78
N HIS B 250 -32.00 -29.02 2.30
CA HIS B 250 -30.85 -29.14 3.17
C HIS B 250 -29.62 -28.38 2.69
N ILE B 251 -28.94 -27.71 3.61
CA ILE B 251 -27.74 -26.99 3.25
C ILE B 251 -26.56 -27.41 4.12
N HIS B 252 -25.43 -27.60 3.46
CA HIS B 252 -24.19 -27.97 4.12
C HIS B 252 -23.26 -26.76 4.00
N MET B 253 -22.78 -26.27 5.14
CA MET B 253 -21.94 -25.08 5.14
C MET B 253 -20.57 -25.40 5.73
N TYR B 254 -19.50 -24.94 5.08
CA TYR B 254 -18.17 -25.21 5.59
C TYR B 254 -17.18 -24.15 5.13
N CYS B 255 -15.98 -24.17 5.69
CA CYS B 255 -14.93 -23.20 5.38
C CYS B 255 -13.97 -23.77 4.33
N VAL B 256 -13.54 -22.92 3.41
CA VAL B 256 -12.65 -23.33 2.32
C VAL B 256 -11.28 -23.85 2.75
N ASP B 257 -10.83 -23.48 3.93
CA ASP B 257 -9.50 -23.87 4.38
C ASP B 257 -9.25 -25.30 4.81
N ASN B 258 -10.30 -26.12 4.92
CA ASN B 258 -10.12 -27.51 5.32
C ASN B 258 -9.91 -28.34 4.07
N CYS B 259 -8.67 -28.80 3.83
CA CYS B 259 -8.35 -29.58 2.63
C CYS B 259 -8.90 -31.00 2.63
N LEU B 260 -9.40 -31.48 3.76
CA LEU B 260 -9.94 -32.83 3.83
C LEU B 260 -11.47 -32.89 3.82
N VAL B 261 -12.12 -31.73 3.81
CA VAL B 261 -13.57 -31.66 3.92
C VAL B 261 -14.42 -32.46 2.92
N LYS B 262 -15.35 -33.23 3.45
CA LYS B 262 -16.27 -34.02 2.62
C LYS B 262 -17.40 -33.08 2.28
N VAL B 263 -17.35 -32.48 1.09
CA VAL B 263 -18.39 -31.55 0.68
C VAL B 263 -19.72 -32.30 0.44
N ALA B 264 -20.80 -31.79 1.04
CA ALA B 264 -22.14 -32.37 0.92
C ALA B 264 -22.15 -33.83 1.33
N ASP B 265 -21.40 -34.12 2.38
CA ASP B 265 -21.28 -35.46 2.94
C ASP B 265 -22.66 -36.09 3.17
N PRO B 266 -22.96 -37.20 2.46
CA PRO B 266 -24.28 -37.84 2.64
C PRO B 266 -24.51 -38.35 4.07
N ILE B 267 -23.45 -38.71 4.77
CA ILE B 267 -23.57 -39.20 6.14
C ILE B 267 -24.06 -38.10 7.07
N PHE B 268 -23.48 -36.91 6.92
CA PHE B 268 -23.85 -35.77 7.75
C PHE B 268 -25.30 -35.34 7.44
N ILE B 269 -25.66 -35.38 6.17
CA ILE B 269 -27.02 -35.00 5.77
C ILE B 269 -27.96 -36.11 6.24
N GLY B 270 -27.60 -37.36 5.98
CA GLY B 270 -28.45 -38.46 6.42
C GLY B 270 -28.71 -38.42 7.92
N PHE B 271 -27.65 -38.15 8.69
CA PHE B 271 -27.72 -38.06 10.15
C PHE B 271 -28.81 -37.05 10.54
N ALA B 272 -28.81 -35.87 9.92
CA ALA B 272 -29.80 -34.85 10.23
C ALA B 272 -31.20 -35.29 9.78
N ILE B 273 -31.28 -35.90 8.61
CA ILE B 273 -32.57 -36.33 8.09
C ILE B 273 -33.16 -37.41 8.99
N ALA B 274 -32.33 -38.39 9.34
CA ALA B 274 -32.72 -39.50 10.19
C ALA B 274 -33.25 -39.04 11.54
N LYS B 275 -32.59 -38.05 12.12
CA LYS B 275 -32.95 -37.51 13.44
C LYS B 275 -33.85 -36.29 13.37
N LYS B 276 -34.15 -35.83 12.16
CA LYS B 276 -35.00 -34.65 11.99
C LYS B 276 -34.43 -33.37 12.63
N PHE B 277 -33.11 -33.18 12.64
CA PHE B 277 -32.55 -31.96 13.24
C PHE B 277 -32.78 -30.74 12.36
N ASP B 278 -32.81 -29.57 12.99
CA ASP B 278 -32.99 -28.30 12.29
C ASP B 278 -31.59 -27.76 12.03
N LEU B 279 -30.66 -28.19 12.89
CA LEU B 279 -29.28 -27.73 12.87
C LEU B 279 -28.37 -28.82 13.42
N ALA B 280 -27.25 -29.07 12.74
CA ALA B 280 -26.28 -30.07 13.18
C ALA B 280 -24.89 -29.53 12.89
N THR B 281 -23.88 -30.10 13.53
CA THR B 281 -22.53 -29.62 13.36
C THR B 281 -21.54 -30.77 13.59
N LYS B 282 -20.36 -30.68 12.97
CA LYS B 282 -19.34 -31.71 13.14
C LYS B 282 -18.24 -31.28 14.11
N VAL B 283 -17.68 -32.25 14.83
CA VAL B 283 -16.59 -32.01 15.77
C VAL B 283 -15.60 -33.19 15.67
N VAL B 284 -14.41 -32.98 16.21
CA VAL B 284 -13.37 -34.00 16.28
C VAL B 284 -12.76 -33.81 17.66
N ARG B 285 -12.11 -34.84 18.18
CA ARG B 285 -11.47 -34.76 19.49
C ARG B 285 -10.43 -33.64 19.47
N LYS B 286 -10.47 -32.76 20.49
CA LYS B 286 -9.53 -31.65 20.57
C LYS B 286 -8.07 -32.16 20.60
N ARG B 287 -7.22 -31.54 19.79
CA ARG B 287 -5.80 -31.93 19.70
C ARG B 287 -5.10 -31.77 21.04
N ASP B 288 -5.09 -30.54 21.55
CA ASP B 288 -4.47 -30.23 22.84
C ASP B 288 -5.10 -28.98 23.43
N ALA B 289 -4.94 -28.80 24.74
CA ALA B 289 -5.51 -27.66 25.44
C ALA B 289 -5.32 -26.32 24.72
N ASN B 290 -4.20 -26.17 24.02
CA ASN B 290 -3.89 -24.92 23.31
C ASN B 290 -4.40 -24.84 21.87
N GLU B 291 -5.09 -25.89 21.40
CA GLU B 291 -5.58 -25.86 20.03
C GLU B 291 -6.57 -24.71 19.84
N SER B 292 -6.34 -23.93 18.78
CA SER B 292 -7.17 -22.79 18.45
C SER B 292 -8.48 -23.23 17.79
N VAL B 293 -9.31 -23.92 18.55
CA VAL B 293 -10.59 -24.42 18.07
C VAL B 293 -11.71 -24.08 19.05
N GLY B 294 -12.86 -23.66 18.53
CA GLY B 294 -14.00 -23.40 19.40
C GLY B 294 -14.42 -24.76 19.93
N LEU B 295 -15.20 -24.79 21.00
CA LEU B 295 -15.65 -26.05 21.58
C LEU B 295 -17.17 -26.07 21.70
N ILE B 296 -17.80 -27.14 21.20
CA ILE B 296 -19.25 -27.25 21.25
C ILE B 296 -19.60 -27.77 22.64
N VAL B 297 -20.40 -27.02 23.37
CA VAL B 297 -20.77 -27.40 24.72
C VAL B 297 -22.23 -27.10 24.99
N LEU B 298 -22.71 -27.48 26.16
CA LEU B 298 -24.07 -27.14 26.55
C LEU B 298 -23.95 -26.01 27.57
N ASP B 299 -24.67 -24.92 27.34
CA ASP B 299 -24.67 -23.80 28.28
C ASP B 299 -25.69 -24.20 29.35
N GLN B 300 -25.20 -24.56 30.53
CA GLN B 300 -26.06 -24.97 31.63
C GLN B 300 -27.07 -23.90 32.03
N ASP B 301 -26.70 -22.63 31.84
CA ASP B 301 -27.58 -21.52 32.21
C ASP B 301 -28.91 -21.49 31.49
N ASN B 302 -28.88 -21.70 30.18
CA ASN B 302 -30.10 -21.69 29.39
C ASN B 302 -30.42 -23.05 28.82
N GLN B 303 -29.58 -24.04 29.11
CA GLN B 303 -29.77 -25.39 28.59
C GLN B 303 -29.84 -25.38 27.06
N LYS B 304 -28.93 -24.66 26.44
CA LYS B 304 -28.89 -24.58 24.98
C LYS B 304 -27.52 -24.92 24.45
N PRO B 305 -27.46 -25.50 23.25
CA PRO B 305 -26.11 -25.80 22.78
C PRO B 305 -25.45 -24.49 22.33
N CYS B 306 -24.12 -24.46 22.38
CA CYS B 306 -23.38 -23.27 21.96
C CYS B 306 -21.89 -23.62 21.80
N VAL B 307 -21.16 -22.67 21.25
CA VAL B 307 -19.73 -22.83 21.03
C VAL B 307 -18.96 -21.76 21.77
N ILE B 308 -17.92 -22.14 22.49
CA ILE B 308 -17.07 -21.19 23.19
C ILE B 308 -15.82 -21.05 22.33
N GLU B 309 -15.61 -19.87 21.74
CA GLU B 309 -14.44 -19.67 20.88
C GLU B 309 -13.13 -19.72 21.65
N TYR B 310 -12.09 -20.21 20.99
CA TYR B 310 -10.76 -20.36 21.58
C TYR B 310 -10.15 -19.04 22.07
N SER B 311 -10.58 -17.94 21.47
CA SER B 311 -10.08 -16.62 21.81
C SER B 311 -10.87 -15.96 22.93
N GLU B 312 -11.91 -16.64 23.40
CA GLU B 312 -12.77 -16.10 24.45
C GLU B 312 -13.03 -17.08 25.57
N ILE B 313 -12.43 -18.25 25.48
CA ILE B 313 -12.60 -19.27 26.50
C ILE B 313 -11.62 -18.95 27.63
N SER B 314 -11.98 -19.29 28.86
CA SER B 314 -11.10 -19.05 30.00
C SER B 314 -9.95 -20.04 29.93
N GLN B 315 -8.76 -19.62 30.35
CA GLN B 315 -7.60 -20.51 30.33
C GLN B 315 -7.82 -21.66 31.33
N GLU B 316 -8.62 -21.40 32.34
CA GLU B 316 -8.94 -22.40 33.36
C GLU B 316 -10.01 -23.35 32.84
N LEU B 317 -10.85 -22.83 31.95
CA LEU B 317 -11.94 -23.60 31.36
C LEU B 317 -11.39 -24.54 30.30
N ALA B 318 -10.42 -24.07 29.53
CA ALA B 318 -9.79 -24.85 28.47
C ALA B 318 -8.86 -25.94 29.01
N ASN B 319 -8.19 -25.65 30.12
CA ASN B 319 -7.25 -26.59 30.73
C ASN B 319 -7.90 -27.54 31.72
N LYS B 320 -9.19 -27.37 31.93
CA LYS B 320 -9.91 -28.23 32.86
C LYS B 320 -9.90 -29.68 32.36
N LYS B 321 -9.41 -30.58 33.19
CA LYS B 321 -9.36 -32.00 32.85
C LYS B 321 -10.75 -32.55 33.08
N ASP B 322 -11.05 -33.71 32.50
CA ASP B 322 -12.38 -34.30 32.64
C ASP B 322 -12.60 -34.95 33.99
N PRO B 323 -13.75 -34.67 34.62
CA PRO B 323 -14.08 -35.24 35.92
C PRO B 323 -14.09 -36.76 35.86
N GLN B 324 -14.93 -37.30 34.97
CA GLN B 324 -15.08 -38.74 34.79
C GLN B 324 -13.86 -39.43 34.15
N ASP B 325 -12.81 -38.66 33.86
CA ASP B 325 -11.58 -39.20 33.25
C ASP B 325 -10.44 -38.18 33.31
N SER B 326 -9.61 -38.28 34.34
CA SER B 326 -8.49 -37.37 34.54
C SER B 326 -7.53 -37.22 33.36
N SER B 327 -7.53 -38.18 32.44
CA SER B 327 -6.63 -38.14 31.27
C SER B 327 -7.09 -37.25 30.12
N LYS B 328 -8.40 -37.17 29.91
CA LYS B 328 -8.97 -36.39 28.83
C LYS B 328 -9.37 -34.97 29.28
N LEU B 329 -9.43 -34.03 28.34
CA LEU B 329 -9.84 -32.68 28.68
C LEU B 329 -11.38 -32.71 28.82
N PHE B 330 -11.94 -31.85 29.67
CA PHE B 330 -13.39 -31.83 29.92
C PHE B 330 -14.21 -31.39 28.72
N LEU B 331 -13.85 -30.24 28.17
CA LEU B 331 -14.51 -29.72 26.99
C LEU B 331 -13.57 -30.10 25.86
N ARG B 332 -13.97 -31.11 25.07
CA ARG B 332 -13.13 -31.59 23.97
C ARG B 332 -13.78 -31.81 22.58
N ALA B 333 -15.00 -31.33 22.38
CA ALA B 333 -15.68 -31.47 21.07
C ALA B 333 -15.30 -30.24 20.25
N ALA B 334 -14.15 -30.31 19.58
CA ALA B 334 -13.67 -29.18 18.80
C ALA B 334 -14.47 -28.96 17.54
N ASN B 335 -14.84 -27.69 17.33
CA ASN B 335 -15.62 -27.23 16.20
C ASN B 335 -14.79 -27.21 14.92
N ILE B 336 -15.24 -27.88 13.86
CA ILE B 336 -14.47 -27.86 12.61
C ILE B 336 -15.17 -27.08 11.49
N VAL B 337 -15.99 -26.12 11.89
CA VAL B 337 -16.73 -25.23 10.99
C VAL B 337 -17.37 -26.00 9.87
N ASN B 338 -18.23 -26.91 10.26
CA ASN B 338 -18.90 -27.75 9.30
C ASN B 338 -20.31 -27.93 9.81
N HIS B 339 -21.24 -27.21 9.20
CA HIS B 339 -22.62 -27.19 9.64
C HIS B 339 -23.68 -27.62 8.65
N TYR B 340 -24.78 -28.09 9.22
CA TYR B 340 -25.96 -28.54 8.50
C TYR B 340 -27.09 -27.66 8.97
N TYR B 341 -27.86 -27.11 8.03
CA TYR B 341 -29.02 -26.32 8.40
C TYR B 341 -30.18 -26.79 7.53
N SER B 342 -31.36 -26.82 8.15
CA SER B 342 -32.60 -27.15 7.48
C SER B 342 -32.98 -25.82 6.83
N VAL B 343 -33.38 -25.83 5.57
CA VAL B 343 -33.75 -24.57 4.92
C VAL B 343 -35.00 -23.94 5.54
N GLU B 344 -35.94 -24.74 6.00
CA GLU B 344 -37.13 -24.14 6.61
C GLU B 344 -36.73 -23.50 7.94
N PHE B 345 -35.73 -24.06 8.60
CA PHE B 345 -35.26 -23.49 9.86
C PHE B 345 -34.66 -22.12 9.55
N LEU B 346 -33.92 -22.05 8.44
CA LEU B 346 -33.31 -20.78 8.01
C LEU B 346 -34.40 -19.79 7.64
N ASN B 347 -35.46 -20.26 6.97
CA ASN B 347 -36.55 -19.35 6.58
C ASN B 347 -37.20 -18.77 7.85
N LYS B 348 -37.30 -19.59 8.88
CA LYS B 348 -37.90 -19.17 10.15
C LYS B 348 -36.99 -18.30 11.01
N MET B 349 -35.69 -18.59 11.03
CA MET B 349 -34.75 -17.87 11.92
C MET B 349 -33.92 -16.70 11.34
N ILE B 350 -33.62 -16.69 10.04
CA ILE B 350 -32.77 -15.63 9.51
C ILE B 350 -33.30 -14.24 9.85
N PRO B 351 -34.59 -13.98 9.60
CA PRO B 351 -35.13 -12.66 9.92
C PRO B 351 -34.85 -12.23 11.35
N LYS B 352 -35.01 -13.16 12.29
CA LYS B 352 -34.75 -12.87 13.70
C LYS B 352 -33.27 -12.65 13.98
N TRP B 353 -32.42 -13.46 13.35
CA TRP B 353 -30.98 -13.38 13.59
C TRP B 353 -30.30 -12.09 13.12
N ILE B 354 -30.76 -11.52 12.02
CA ILE B 354 -30.11 -10.33 11.51
C ILE B 354 -30.68 -9.00 12.02
N SER B 355 -31.71 -9.03 12.85
CA SER B 355 -32.25 -7.78 13.38
C SER B 355 -31.87 -7.50 14.84
N SER B 356 -31.26 -8.48 15.50
CA SER B 356 -30.84 -8.31 16.90
C SER B 356 -29.38 -8.71 17.10
N GLN B 357 -28.71 -8.02 18.03
CA GLN B 357 -27.32 -8.32 18.33
C GLN B 357 -27.35 -9.44 19.36
N LYS B 358 -28.56 -9.87 19.72
CA LYS B 358 -28.72 -10.94 20.70
C LYS B 358 -28.17 -12.26 20.18
N TYR B 359 -28.25 -12.49 18.87
CA TYR B 359 -27.77 -13.73 18.28
C TYR B 359 -26.47 -13.60 17.55
N LEU B 360 -26.20 -12.42 17.00
CA LEU B 360 -24.97 -12.19 16.27
C LEU B 360 -24.23 -11.00 16.84
N PRO B 361 -23.80 -11.08 18.12
CA PRO B 361 -23.07 -9.99 18.78
C PRO B 361 -21.70 -9.81 18.16
N PHE B 362 -21.16 -8.60 18.25
CA PHE B 362 -19.84 -8.33 17.69
C PHE B 362 -18.78 -8.92 18.61
N HIS B 363 -17.70 -9.40 18.00
CA HIS B 363 -16.57 -9.93 18.74
C HIS B 363 -15.46 -9.00 18.34
N ILE B 364 -14.64 -8.62 19.31
CA ILE B 364 -13.56 -7.67 19.08
C ILE B 364 -12.19 -8.33 18.99
N ALA B 365 -11.41 -7.95 17.99
CA ALA B 365 -10.06 -8.49 17.85
C ALA B 365 -9.09 -7.36 17.59
N LYS B 366 -8.16 -7.18 18.52
CA LYS B 366 -7.15 -6.15 18.40
C LYS B 366 -6.26 -6.55 17.23
N LYS B 367 -5.98 -5.59 16.34
CA LYS B 367 -5.18 -5.85 15.14
C LYS B 367 -4.20 -4.73 14.77
N LYS B 368 -3.26 -5.07 13.89
CA LYS B 368 -2.29 -4.11 13.38
C LYS B 368 -2.92 -3.71 12.06
N ILE B 369 -3.55 -2.53 12.03
CA ILE B 369 -4.25 -2.10 10.85
C ILE B 369 -3.65 -0.96 10.03
N PRO B 370 -3.21 -1.25 8.79
CA PRO B 370 -2.62 -0.24 7.89
C PRO B 370 -3.70 0.82 7.64
N SER B 371 -3.43 2.04 8.08
CA SER B 371 -4.38 3.12 7.92
C SER B 371 -3.67 4.44 8.12
N LEU B 372 -4.44 5.52 8.25
CA LEU B 372 -3.85 6.84 8.44
C LEU B 372 -3.21 7.06 9.80
N ASN B 373 -2.01 7.61 9.78
CA ASN B 373 -1.31 7.90 11.02
C ASN B 373 -2.09 9.07 11.63
N LEU B 374 -2.48 8.92 12.89
CA LEU B 374 -3.27 9.96 13.55
C LEU B 374 -2.51 11.28 13.65
N GLU B 375 -1.22 11.18 13.90
CA GLU B 375 -0.36 12.36 14.03
C GLU B 375 0.02 12.99 12.68
N ASN B 376 0.43 12.15 11.72
CA ASN B 376 0.85 12.60 10.39
C ASN B 376 -0.27 12.86 9.38
N GLY B 377 -1.13 11.87 9.19
CA GLY B 377 -2.22 11.99 8.23
C GLY B 377 -1.75 11.16 7.05
N GLU B 378 -0.68 10.42 7.29
CA GLU B 378 -0.07 9.57 6.27
C GLU B 378 -0.27 8.08 6.55
N PHE B 379 -0.42 7.33 5.48
CA PHE B 379 -0.60 5.88 5.56
C PHE B 379 0.66 5.23 6.13
N TYR B 380 0.49 4.36 7.13
CA TYR B 380 1.62 3.67 7.73
C TYR B 380 1.20 2.26 8.15
N LYS B 381 2.20 1.38 8.28
CA LYS B 381 1.95 0.01 8.70
C LYS B 381 2.42 -0.12 10.16
N PRO B 382 1.47 -0.17 11.11
CA PRO B 382 1.70 -0.28 12.56
C PRO B 382 2.51 -1.50 13.06
N THR B 383 3.33 -1.26 14.08
CA THR B 383 4.17 -2.29 14.68
C THR B 383 3.51 -2.91 15.92
N GLU B 384 2.53 -2.21 16.47
CA GLU B 384 1.78 -2.68 17.62
C GLU B 384 0.29 -2.54 17.29
N PRO B 385 -0.59 -3.24 18.01
CA PRO B 385 -2.01 -3.10 17.69
C PRO B 385 -2.39 -1.62 17.68
N ASN B 386 -3.28 -1.23 16.76
CA ASN B 386 -3.68 0.17 16.69
C ASN B 386 -5.18 0.33 16.47
N GLY B 387 -5.92 -0.78 16.49
CA GLY B 387 -7.34 -0.71 16.27
C GLY B 387 -8.01 -2.07 16.40
N ILE B 388 -9.33 -2.09 16.36
CA ILE B 388 -10.05 -3.34 16.49
C ILE B 388 -10.91 -3.64 15.28
N LYS B 389 -10.99 -4.91 14.91
CA LYS B 389 -11.83 -5.36 13.81
C LYS B 389 -13.02 -6.01 14.47
N LEU B 390 -14.17 -5.94 13.81
CA LEU B 390 -15.38 -6.52 14.36
C LEU B 390 -15.74 -7.75 13.57
N GLU B 391 -16.28 -8.74 14.26
CA GLU B 391 -16.69 -9.97 13.61
C GLU B 391 -17.89 -10.60 14.25
N GLN B 392 -18.76 -11.14 13.41
CA GLN B 392 -19.92 -11.85 13.88
C GLN B 392 -19.52 -13.31 13.65
N PHE B 393 -19.81 -14.17 14.61
CA PHE B 393 -19.48 -15.59 14.49
C PHE B 393 -20.73 -16.36 14.06
N ILE B 394 -20.55 -17.24 13.08
CA ILE B 394 -21.60 -18.06 12.51
C ILE B 394 -22.38 -18.91 13.53
N PHE B 395 -21.68 -19.45 14.53
CA PHE B 395 -22.33 -20.29 15.53
C PHE B 395 -23.05 -19.61 16.71
N ASP B 396 -23.03 -18.27 16.76
CA ASP B 396 -23.69 -17.57 17.87
C ASP B 396 -25.21 -17.71 17.82
N VAL B 397 -25.72 -18.27 16.73
CA VAL B 397 -27.14 -18.46 16.58
C VAL B 397 -27.58 -19.85 17.07
N PHE B 398 -26.62 -20.71 17.34
CA PHE B 398 -26.90 -22.08 17.81
C PHE B 398 -27.86 -22.16 19.00
N PRO B 399 -27.63 -21.35 20.04
CA PRO B 399 -28.54 -21.42 21.19
C PRO B 399 -29.97 -20.94 20.92
N SER B 400 -30.31 -20.64 19.67
CA SER B 400 -31.66 -20.20 19.36
C SER B 400 -32.39 -21.44 18.83
N VAL B 401 -31.66 -22.55 18.76
CA VAL B 401 -32.26 -23.79 18.29
C VAL B 401 -32.84 -24.52 19.51
N GLU B 402 -33.77 -25.44 19.26
CA GLU B 402 -34.33 -26.25 20.34
C GLU B 402 -33.29 -27.33 20.55
N LEU B 403 -32.88 -27.52 21.79
CA LEU B 403 -31.87 -28.51 22.12
C LEU B 403 -32.12 -29.85 21.46
N ASN B 404 -33.38 -30.29 21.43
CA ASN B 404 -33.70 -31.58 20.84
C ASN B 404 -33.73 -31.59 19.32
N LYS B 405 -33.42 -30.45 18.70
CA LYS B 405 -33.39 -30.39 17.23
C LYS B 405 -31.96 -30.10 16.74
N PHE B 406 -31.01 -30.22 17.65
CA PHE B 406 -29.60 -29.98 17.35
C PHE B 406 -28.79 -31.27 17.45
N GLY B 407 -27.95 -31.53 16.46
CA GLY B 407 -27.14 -32.74 16.49
C GLY B 407 -25.65 -32.44 16.43
N CYS B 408 -24.86 -33.21 17.17
CA CYS B 408 -23.43 -33.00 17.14
C CYS B 408 -22.79 -34.32 16.75
N LEU B 409 -22.29 -34.38 15.52
CA LEU B 409 -21.66 -35.58 14.99
C LEU B 409 -20.13 -35.51 15.09
N GLU B 410 -19.56 -36.46 15.83
CA GLU B 410 -18.10 -36.52 15.97
C GLU B 410 -17.58 -37.35 14.82
N VAL B 411 -16.50 -36.88 14.20
CA VAL B 411 -15.89 -37.57 13.08
C VAL B 411 -14.39 -37.72 13.33
N ASP B 412 -13.75 -38.54 12.50
CA ASP B 412 -12.32 -38.80 12.60
C ASP B 412 -11.52 -37.70 11.97
N ARG B 413 -10.73 -36.99 12.76
CA ARG B 413 -9.94 -35.88 12.26
C ARG B 413 -9.03 -36.26 11.07
N LEU B 414 -8.43 -37.45 11.13
CA LEU B 414 -7.54 -37.92 10.08
C LEU B 414 -8.23 -38.03 8.73
N ASP B 415 -9.56 -38.18 8.76
CA ASP B 415 -10.30 -38.29 7.52
C ASP B 415 -11.01 -37.00 7.14
N GLU B 416 -11.26 -36.13 8.11
CA GLU B 416 -12.07 -34.95 7.73
C GLU B 416 -11.67 -33.53 8.19
N PHE B 417 -10.52 -33.35 8.84
CA PHE B 417 -10.15 -32.01 9.25
C PHE B 417 -8.66 -31.73 9.28
N SER B 418 -8.20 -30.86 8.39
CA SER B 418 -6.81 -30.46 8.32
C SER B 418 -6.86 -29.10 7.68
N PRO B 419 -7.01 -28.06 8.50
CA PRO B 419 -7.10 -26.70 7.98
C PRO B 419 -5.79 -25.99 7.62
N LEU B 420 -5.88 -25.21 6.55
CA LEU B 420 -4.76 -24.40 6.09
C LEU B 420 -4.92 -23.03 6.76
N LYS B 421 -4.19 -22.80 7.85
CA LYS B 421 -4.28 -21.54 8.58
C LYS B 421 -3.00 -20.68 8.59
N ASN B 422 -1.83 -21.32 8.68
CA ASN B 422 -0.58 -20.56 8.73
C ASN B 422 0.42 -20.89 7.63
N ALA B 423 1.39 -20.00 7.45
CA ALA B 423 2.45 -20.19 6.47
C ALA B 423 3.33 -21.27 7.05
N ASP B 424 4.11 -21.94 6.22
CA ASP B 424 5.01 -22.96 6.71
C ASP B 424 5.95 -22.38 7.76
N GLY B 425 6.48 -23.23 8.64
CA GLY B 425 7.35 -22.75 9.68
C GLY B 425 6.58 -22.82 10.98
N ALA B 426 5.26 -22.73 10.89
CA ALA B 426 4.39 -22.80 12.06
C ALA B 426 4.30 -24.27 12.43
N LYS B 427 3.96 -24.56 13.67
CA LYS B 427 3.88 -25.95 14.08
C LYS B 427 2.69 -26.64 13.39
N ASN B 428 1.50 -26.12 13.57
CA ASN B 428 0.34 -26.76 12.97
C ASN B 428 -0.36 -25.96 11.88
N ASP B 429 -1.26 -26.66 11.20
CA ASP B 429 -2.10 -26.10 10.16
C ASP B 429 -1.40 -25.29 9.10
N THR B 430 -0.47 -25.93 8.39
CA THR B 430 0.28 -25.28 7.31
C THR B 430 0.11 -26.03 5.99
N PRO B 431 0.65 -25.48 4.88
CA PRO B 431 0.54 -26.17 3.60
C PRO B 431 1.15 -27.57 3.74
N THR B 432 2.22 -27.64 4.55
CA THR B 432 2.92 -28.90 4.78
C THR B 432 2.04 -29.93 5.52
N THR B 433 1.44 -29.54 6.64
CA THR B 433 0.61 -30.50 7.35
C THR B 433 -0.64 -30.86 6.54
N CYS B 434 -1.16 -29.90 5.78
CA CYS B 434 -2.31 -30.19 4.93
C CYS B 434 -1.89 -31.22 3.88
N ARG B 435 -0.75 -30.99 3.23
CA ARG B 435 -0.28 -31.91 2.20
C ARG B 435 -0.09 -33.31 2.79
N ASN B 436 0.64 -33.41 3.89
CA ASN B 436 0.87 -34.70 4.51
C ASN B 436 -0.42 -35.41 4.91
N HIS B 437 -1.29 -34.73 5.67
CA HIS B 437 -2.55 -35.33 6.09
C HIS B 437 -3.37 -35.80 4.89
N TYR B 438 -3.42 -34.98 3.86
CA TYR B 438 -4.17 -35.32 2.66
C TYR B 438 -3.61 -36.61 2.06
N LEU B 439 -2.30 -36.64 1.85
CA LEU B 439 -1.63 -37.81 1.29
C LEU B 439 -1.72 -39.03 2.18
N GLU B 440 -1.72 -38.83 3.50
CA GLU B 440 -1.82 -39.97 4.40
C GLU B 440 -3.20 -40.60 4.35
N ARG B 441 -4.22 -39.78 4.27
CA ARG B 441 -5.59 -40.31 4.19
C ARG B 441 -5.71 -41.10 2.87
N SER B 442 -5.16 -40.53 1.81
CA SER B 442 -5.18 -41.15 0.48
C SER B 442 -4.49 -42.53 0.51
N SER B 443 -3.31 -42.57 1.12
CA SER B 443 -2.52 -43.79 1.20
C SER B 443 -3.16 -44.81 2.12
N LYS B 444 -3.79 -44.34 3.19
CA LYS B 444 -4.46 -45.25 4.10
C LYS B 444 -5.57 -45.99 3.34
N TRP B 445 -6.34 -45.26 2.53
CA TRP B 445 -7.42 -45.87 1.75
C TRP B 445 -6.90 -46.96 0.84
N VAL B 446 -5.77 -46.69 0.21
CA VAL B 446 -5.19 -47.65 -0.72
C VAL B 446 -4.76 -48.93 0.02
N ILE B 447 -4.08 -48.79 1.16
CA ILE B 447 -3.64 -49.94 1.93
C ILE B 447 -4.85 -50.73 2.47
N GLN B 448 -5.86 -50.02 3.00
CA GLN B 448 -7.07 -50.66 3.52
C GLN B 448 -7.78 -51.50 2.44
N ASN B 449 -7.57 -51.15 1.17
CA ASN B 449 -8.18 -51.88 0.05
C ASN B 449 -7.20 -52.84 -0.58
N GLY B 450 -6.15 -53.17 0.17
CA GLY B 450 -5.18 -54.14 -0.31
C GLY B 450 -4.04 -53.69 -1.18
N GLY B 451 -3.96 -52.40 -1.47
CA GLY B 451 -2.88 -51.90 -2.29
C GLY B 451 -1.59 -51.83 -1.49
N VAL B 452 -0.45 -51.94 -2.19
CA VAL B 452 0.85 -51.88 -1.54
C VAL B 452 1.62 -50.69 -2.09
N ILE B 453 2.08 -49.81 -1.21
CA ILE B 453 2.85 -48.63 -1.63
C ILE B 453 4.30 -48.89 -1.16
N ASP B 454 5.24 -48.93 -2.10
CA ASP B 454 6.62 -49.25 -1.74
C ASP B 454 7.37 -48.19 -0.94
N ASN B 455 8.15 -48.67 0.02
CA ASN B 455 8.99 -47.83 0.87
C ASN B 455 8.23 -46.77 1.63
N GLN B 456 7.12 -47.17 2.23
CA GLN B 456 6.27 -46.25 2.99
C GLN B 456 5.98 -44.95 2.21
N GLY B 457 5.90 -45.03 0.89
CA GLY B 457 5.63 -43.84 0.10
C GLY B 457 4.20 -43.33 0.27
N LEU B 458 3.94 -42.16 -0.29
CA LEU B 458 2.61 -41.57 -0.19
C LEU B 458 2.01 -41.38 -1.56
N VAL B 459 0.77 -41.83 -1.75
CA VAL B 459 0.07 -41.68 -3.03
C VAL B 459 -1.10 -40.70 -2.86
N GLU B 460 -1.60 -40.19 -3.98
CA GLU B 460 -2.75 -39.28 -3.98
C GLU B 460 -3.90 -39.95 -4.70
N VAL B 461 -5.11 -39.84 -4.16
CA VAL B 461 -6.29 -40.39 -4.83
C VAL B 461 -7.12 -39.22 -5.34
N ASP B 462 -7.40 -39.23 -6.63
CA ASP B 462 -8.19 -38.21 -7.29
C ASP B 462 -9.64 -38.42 -6.85
N SER B 463 -10.39 -37.35 -6.59
CA SER B 463 -11.79 -37.52 -6.19
C SER B 463 -12.61 -38.23 -7.27
N LYS B 464 -12.19 -38.08 -8.52
CA LYS B 464 -12.88 -38.73 -9.64
C LYS B 464 -12.87 -40.23 -9.41
N THR B 465 -11.84 -40.69 -8.70
CA THR B 465 -11.69 -42.10 -8.38
C THR B 465 -12.41 -42.44 -7.07
N SER B 466 -12.23 -41.61 -6.05
CA SER B 466 -12.87 -41.89 -4.76
C SER B 466 -13.21 -40.67 -3.95
N TYR B 467 -14.45 -40.62 -3.49
CA TYR B 467 -14.92 -39.50 -2.70
C TYR B 467 -14.29 -39.57 -1.32
N GLY B 468 -14.51 -40.71 -0.66
CA GLY B 468 -13.99 -40.89 0.69
C GLY B 468 -13.48 -42.29 0.98
N GLY B 469 -12.93 -42.97 -0.04
CA GLY B 469 -12.41 -44.29 0.20
C GLY B 469 -13.20 -45.44 -0.40
N GLU B 470 -14.40 -45.13 -0.89
CA GLU B 470 -15.24 -46.15 -1.52
C GLU B 470 -14.73 -46.34 -2.96
N GLY B 471 -15.14 -47.44 -3.59
CA GLY B 471 -14.73 -47.72 -4.96
C GLY B 471 -13.25 -48.00 -5.26
N LEU B 472 -12.44 -48.27 -4.24
CA LEU B 472 -11.01 -48.53 -4.45
C LEU B 472 -10.61 -50.01 -4.43
N GLU B 473 -11.58 -50.91 -4.36
CA GLU B 473 -11.26 -52.33 -4.32
C GLU B 473 -10.39 -52.78 -5.49
N PHE B 474 -10.50 -52.10 -6.63
CA PHE B 474 -9.69 -52.48 -7.79
C PHE B 474 -8.17 -52.40 -7.57
N VAL B 475 -7.72 -51.78 -6.49
CA VAL B 475 -6.27 -51.65 -6.27
C VAL B 475 -5.67 -52.81 -5.48
N ASN B 476 -6.53 -53.75 -5.06
CA ASN B 476 -6.08 -54.89 -4.28
C ASN B 476 -4.95 -55.65 -4.95
N GLY B 477 -3.84 -55.79 -4.22
CA GLY B 477 -2.69 -56.48 -4.75
C GLY B 477 -1.84 -55.67 -5.72
N LYS B 478 -2.24 -54.45 -6.02
CA LYS B 478 -1.46 -53.61 -6.94
C LYS B 478 -0.37 -52.83 -6.18
N HIS B 479 0.76 -52.59 -6.83
CA HIS B 479 1.87 -51.88 -6.20
C HIS B 479 2.05 -50.46 -6.74
N PHE B 480 2.15 -49.51 -5.82
CA PHE B 480 2.29 -48.11 -6.19
C PHE B 480 3.62 -47.51 -5.72
N LYS B 481 4.00 -46.40 -6.34
CA LYS B 481 5.22 -45.69 -6.02
C LYS B 481 4.89 -44.32 -5.42
N ASN B 482 5.75 -43.84 -4.53
CA ASN B 482 5.58 -42.54 -3.89
C ASN B 482 5.27 -41.43 -4.89
N GLY B 483 4.16 -40.73 -4.69
CA GLY B 483 3.80 -39.66 -5.59
C GLY B 483 2.85 -40.07 -6.70
N ASP B 484 2.42 -41.32 -6.73
CA ASP B 484 1.51 -41.74 -7.78
C ASP B 484 0.14 -41.14 -7.55
N ILE B 485 -0.61 -40.97 -8.63
CA ILE B 485 -1.96 -40.44 -8.54
C ILE B 485 -2.85 -41.58 -8.99
N ILE B 486 -3.84 -41.89 -8.16
CA ILE B 486 -4.79 -42.99 -8.38
C ILE B 486 -6.23 -42.51 -8.66
#